data_5ZQS
#
_entry.id   5ZQS
#
_cell.length_a   117.021
_cell.length_b   103.437
_cell.length_c   104.813
_cell.angle_alpha   90.00
_cell.angle_beta   123.08
_cell.angle_gamma   90.00
#
_symmetry.space_group_name_H-M   'C 1 2 1'
#
loop_
_entity.id
_entity.type
_entity.pdbx_description
1 polymer Beta-xylosidase
2 branched beta-D-xylopyranose-(1-4)-beta-D-xylopyranose
3 non-polymer beta-D-xylopyranose
4 water water
#
_entity_poly.entity_id   1
_entity_poly.type   'polypeptide(L)'
_entity_poly.pdbx_seq_one_letter_code
;MKITNPVLKGFNPDPSICRAGEDYYMAVSTFEWFPGVQIYHSKDLIHWRLAARPLQKTSQLDMKGNPDSGGVWAPCLSYA
DGQFWLIYSDIKVVDGPFKDGHNYLVTADAVDGEWSDPVRLNSSGFDPSLFHDPSGKKYVLNMLWDHREKHHSFAGIALQ
EYSVSEKKLVGERKVIFKGTPIKLTQAPHLYYINDVYYLLTAEGGTRYEHAATIARSSRIDGPYEVHPDNPILTAFHAPS
HPLQKCGHASIVQTHTNEWYLAHLTGRPIHSSKESIFQQRGWCPLGRETAIQKLEWKDGWPYVVGGKEGLLEVEAPAMSV
KEFSPTYHIVDEFKDSSLNRHFQTLRIPFTDQIGSVTENPHHLRLYGQESLTSKFTQAFVARRWQSFYFEAETAVSFFPK
NFQQAAGLVNYYNTENWTALQVTYDDALGRILELSVCENLAFSQPLIKKIIIPDEIPYVYLKVTVQRETYTYSYSFDQQE
WEKIDVPLESTHLSDDFIRGGGYFTGAFVGMQCQDTSGERLPADFKYFRYEETTEHHHHHH
;
_entity_poly.pdbx_strand_id   A,B
#
loop_
_chem_comp.id
_chem_comp.type
_chem_comp.name
_chem_comp.formula
XYP D-saccharide, beta linking beta-D-xylopyranose 'C5 H10 O5'
#
# COMPACT_ATOMS: atom_id res chain seq x y z
N MET A 1 11.69 0.51 46.63
CA MET A 1 12.09 0.44 45.23
C MET A 1 11.69 1.67 44.45
N LYS A 2 12.46 1.99 43.42
CA LYS A 2 12.13 3.10 42.53
C LYS A 2 11.70 2.60 41.16
N ILE A 3 11.00 3.46 40.44
CA ILE A 3 10.68 3.23 39.04
C ILE A 3 11.95 3.43 38.23
N THR A 4 12.35 2.41 37.47
CA THR A 4 13.47 2.52 36.55
C THR A 4 12.96 2.68 35.13
N ASN A 5 13.32 3.81 34.50
CA ASN A 5 12.88 4.11 33.14
C ASN A 5 13.90 3.65 32.12
N PRO A 6 13.45 3.26 30.91
CA PRO A 6 12.05 3.12 30.50
C PRO A 6 11.39 1.93 31.18
N VAL A 7 10.10 2.05 31.51
CA VAL A 7 9.42 0.89 32.10
C VAL A 7 9.00 -0.09 31.02
N LEU A 8 8.73 0.36 29.79
CA LEU A 8 8.47 -0.54 28.68
C LEU A 8 9.59 -0.35 27.68
N LYS A 9 10.40 -1.38 27.49
CA LYS A 9 11.60 -1.26 26.69
C LYS A 9 11.34 -1.74 25.27
N GLY A 10 12.06 -1.14 24.33
CA GLY A 10 11.81 -1.37 22.92
C GLY A 10 10.54 -0.67 22.48
N PHE A 11 10.13 -1.01 21.27
CA PHE A 11 9.07 -0.31 20.54
C PHE A 11 7.76 -0.37 21.32
N ASN A 12 7.47 0.71 22.06
CA ASN A 12 6.28 0.80 22.91
C ASN A 12 5.88 2.28 23.05
N PRO A 13 5.42 2.91 21.97
CA PRO A 13 5.20 4.37 21.97
C PRO A 13 3.79 4.76 22.40
N ASP A 14 3.58 6.06 22.56
CA ASP A 14 2.26 6.64 22.79
C ASP A 14 1.53 6.04 24.00
N PRO A 15 2.12 6.09 25.19
CA PRO A 15 1.48 5.39 26.33
C PRO A 15 0.23 6.09 26.79
N SER A 16 -0.84 5.31 26.96
CA SER A 16 -2.09 5.80 27.53
C SER A 16 -2.33 5.05 28.83
N ILE A 17 -2.17 5.75 29.97
CA ILE A 17 -2.22 5.10 31.28
C ILE A 17 -3.59 5.33 31.88
N CYS A 18 -4.10 4.33 32.61
CA CYS A 18 -5.39 4.48 33.27
C CYS A 18 -5.49 3.57 34.49
N ARG A 19 -6.32 3.97 35.44
CA ARG A 19 -6.46 3.24 36.68
C ARG A 19 -7.83 2.57 36.71
N ALA A 20 -7.87 1.32 37.16
CA ALA A 20 -9.12 0.62 37.44
C ALA A 20 -9.04 0.07 38.87
N GLY A 21 -9.59 0.81 39.84
CA GLY A 21 -9.42 0.47 41.23
C GLY A 21 -7.98 0.58 41.67
N GLU A 22 -7.36 -0.55 41.99
CA GLU A 22 -5.95 -0.58 42.33
C GLU A 22 -5.10 -1.24 41.24
N ASP A 23 -5.68 -1.46 40.06
CA ASP A 23 -4.95 -2.00 38.93
C ASP A 23 -4.61 -0.88 37.93
N TYR A 24 -3.40 -0.93 37.37
CA TYR A 24 -2.96 0.11 36.44
C TYR A 24 -2.66 -0.52 35.10
N TYR A 25 -3.11 0.15 34.03
CA TYR A 25 -3.00 -0.35 32.67
C TYR A 25 -2.40 0.74 31.80
N MET A 26 -1.64 0.34 30.78
CA MET A 26 -1.10 1.26 29.80
C MET A 26 -1.22 0.63 28.42
N ALA A 27 -1.84 1.34 27.50
CA ALA A 27 -1.94 0.87 26.12
C ALA A 27 -0.92 1.63 25.26
N VAL A 28 -0.29 0.91 24.33
CA VAL A 28 0.70 1.51 23.45
C VAL A 28 0.37 1.18 22.00
N SER A 29 0.83 2.02 21.07
CA SER A 29 0.55 1.84 19.65
C SER A 29 1.39 0.70 19.05
N THR A 30 0.85 0.09 17.99
CA THR A 30 1.46 -1.07 17.35
C THR A 30 1.63 -0.93 15.84
N PHE A 31 1.02 0.08 15.21
CA PHE A 31 1.20 0.42 13.79
C PHE A 31 0.84 -0.78 12.92
N GLU A 32 1.73 -1.29 12.06
CA GLU A 32 1.38 -2.36 11.14
C GLU A 32 1.47 -3.73 11.79
N TRP A 33 1.93 -3.83 13.04
CA TRP A 33 2.12 -5.13 13.66
C TRP A 33 0.81 -5.65 14.26
N PHE A 34 0.56 -6.96 14.10
CA PHE A 34 -0.72 -7.61 14.39
C PHE A 34 -0.55 -8.77 15.35
N PRO A 35 -1.47 -8.95 16.32
CA PRO A 35 -2.65 -8.18 16.70
C PRO A 35 -2.32 -6.76 17.19
N GLY A 36 -3.33 -5.90 17.19
CA GLY A 36 -3.13 -4.48 17.38
C GLY A 36 -3.37 -4.02 18.81
N VAL A 37 -2.62 -2.99 19.19
CA VAL A 37 -2.56 -2.43 20.54
C VAL A 37 -1.97 -3.43 21.52
N GLN A 38 -1.00 -2.98 22.34
CA GLN A 38 -0.46 -3.75 23.45
C GLN A 38 -0.91 -3.09 24.73
N ILE A 39 -1.45 -3.88 25.65
CA ILE A 39 -1.88 -3.36 26.95
C ILE A 39 -1.03 -4.03 28.02
N TYR A 40 -0.40 -3.22 28.84
CA TYR A 40 0.40 -3.68 29.96
C TYR A 40 -0.33 -3.37 31.27
N HIS A 41 -0.03 -4.16 32.30
CA HIS A 41 -0.66 -4.10 33.61
C HIS A 41 0.40 -3.97 34.69
N SER A 42 0.09 -3.22 35.73
CA SER A 42 0.98 -3.02 36.87
C SER A 42 0.16 -2.85 38.14
N LYS A 43 0.73 -3.29 39.26
CA LYS A 43 0.18 -3.01 40.58
C LYS A 43 1.00 -2.01 41.38
N ASP A 44 2.20 -1.63 40.92
CA ASP A 44 3.04 -0.70 41.67
C ASP A 44 3.65 0.42 40.83
N LEU A 45 3.42 0.43 39.51
CA LEU A 45 3.96 1.36 38.52
C LEU A 45 5.44 1.08 38.24
N ILE A 46 6.04 0.17 38.99
CA ILE A 46 7.44 -0.22 38.76
C ILE A 46 7.54 -1.35 37.76
N HIS A 47 6.78 -2.42 38.00
CA HIS A 47 6.81 -3.64 37.23
C HIS A 47 5.58 -3.71 36.35
N TRP A 48 5.78 -4.05 35.09
CA TRP A 48 4.71 -4.06 34.11
C TRP A 48 4.76 -5.37 33.36
N ARG A 49 3.60 -5.95 33.11
CA ARG A 49 3.49 -7.20 32.38
C ARG A 49 2.61 -6.99 31.15
N LEU A 50 2.96 -7.66 30.05
CA LEU A 50 2.15 -7.60 28.85
C LEU A 50 0.89 -8.42 29.08
N ALA A 51 -0.25 -7.74 29.13
CA ALA A 51 -1.50 -8.37 29.54
C ALA A 51 -2.41 -8.76 28.38
N ALA A 52 -2.47 -7.98 27.31
CA ALA A 52 -3.46 -8.25 26.29
C ALA A 52 -3.12 -7.50 25.01
N ARG A 53 -3.59 -8.05 23.90
CA ARG A 53 -3.57 -7.36 22.61
C ARG A 53 -4.98 -7.37 22.04
N PRO A 54 -5.73 -6.28 22.20
CA PRO A 54 -7.20 -6.34 22.00
C PRO A 54 -7.66 -6.56 20.58
N LEU A 55 -6.96 -6.05 19.56
CA LEU A 55 -7.51 -6.00 18.21
C LEU A 55 -7.04 -7.25 17.47
N GLN A 56 -7.77 -8.35 17.68
CA GLN A 56 -7.39 -9.67 17.21
C GLN A 56 -8.07 -10.10 15.89
N LYS A 57 -9.14 -9.45 15.47
CA LYS A 57 -9.94 -9.87 14.34
C LYS A 57 -9.86 -8.87 13.19
N THR A 58 -9.97 -9.38 11.96
CA THR A 58 -10.04 -8.46 10.83
C THR A 58 -11.27 -7.56 10.89
N SER A 59 -12.33 -8.01 11.57
CA SER A 59 -13.51 -7.18 11.82
C SER A 59 -13.22 -5.98 12.73
N GLN A 60 -12.16 -6.04 13.53
CA GLN A 60 -11.73 -4.87 14.29
C GLN A 60 -10.59 -4.11 13.63
N LEU A 61 -9.75 -4.80 12.85
CA LEU A 61 -8.54 -4.19 12.32
C LEU A 61 -8.12 -4.96 11.08
N ASP A 62 -8.10 -4.27 9.94
CA ASP A 62 -7.83 -4.90 8.65
C ASP A 62 -6.75 -4.07 7.96
N MET A 63 -5.50 -4.57 7.98
CA MET A 63 -4.35 -3.77 7.62
C MET A 63 -3.56 -4.28 6.43
N LYS A 64 -4.01 -5.34 5.77
CA LYS A 64 -3.35 -5.77 4.55
C LYS A 64 -3.19 -4.60 3.58
N GLY A 65 -1.95 -4.37 3.13
CA GLY A 65 -1.64 -3.24 2.26
C GLY A 65 -1.30 -1.93 2.94
N ASN A 66 -1.48 -1.81 4.26
CA ASN A 66 -1.22 -0.54 4.91
C ASN A 66 0.23 -0.12 4.72
N PRO A 67 0.51 1.18 4.56
CA PRO A 67 1.91 1.62 4.48
C PRO A 67 2.66 1.27 5.75
N ASP A 68 3.99 1.21 5.62
CA ASP A 68 4.85 1.12 6.78
C ASP A 68 4.58 2.28 7.73
N SER A 69 4.46 1.97 9.02
CA SER A 69 4.14 2.93 10.06
C SER A 69 2.77 3.59 9.85
N GLY A 70 1.89 2.98 9.05
CA GLY A 70 0.48 3.28 9.11
C GLY A 70 -0.18 2.47 10.22
N GLY A 71 -1.49 2.25 10.09
CA GLY A 71 -2.15 1.35 11.00
C GLY A 71 -2.44 1.98 12.34
N VAL A 72 -2.21 1.25 13.43
CA VAL A 72 -2.66 1.66 14.76
C VAL A 72 -1.67 2.69 15.32
N TRP A 73 -2.06 3.97 15.27
CA TRP A 73 -1.26 5.03 15.85
C TRP A 73 -1.61 5.12 17.34
N ALA A 74 -1.42 6.28 17.95
CA ALA A 74 -1.63 6.40 19.41
C ALA A 74 -3.03 5.94 19.82
N PRO A 75 -3.15 5.02 20.77
CA PRO A 75 -4.47 4.63 21.29
C PRO A 75 -4.81 5.33 22.61
N CYS A 76 -6.08 5.33 23.02
CA CYS A 76 -6.47 5.88 24.32
C CYS A 76 -7.27 4.81 25.06
N LEU A 77 -6.81 4.43 26.25
CA LEU A 77 -7.49 3.43 27.06
C LEU A 77 -8.01 4.10 28.33
N SER A 78 -9.30 3.94 28.60
CA SER A 78 -9.94 4.47 29.79
C SER A 78 -10.80 3.40 30.47
N TYR A 79 -11.10 3.66 31.73
CA TYR A 79 -12.00 2.79 32.49
C TYR A 79 -13.08 3.67 33.09
N ALA A 80 -14.33 3.33 32.85
CA ALA A 80 -15.43 4.15 33.35
C ALA A 80 -16.71 3.36 33.20
N ASP A 81 -17.62 3.57 34.15
CA ASP A 81 -18.93 2.92 34.10
C ASP A 81 -18.79 1.40 34.08
N GLY A 82 -17.79 0.89 34.80
CA GLY A 82 -17.59 -0.54 34.92
C GLY A 82 -17.06 -1.25 33.69
N GLN A 83 -16.46 -0.51 32.74
CA GLN A 83 -15.91 -1.18 31.58
C GLN A 83 -14.73 -0.40 31.02
N PHE A 84 -13.94 -1.10 30.20
CA PHE A 84 -12.81 -0.49 29.51
C PHE A 84 -13.25 0.02 28.15
N TRP A 85 -12.71 1.18 27.77
CA TRP A 85 -12.96 1.82 26.48
C TRP A 85 -11.63 2.04 25.78
N LEU A 86 -11.52 1.56 24.54
CA LEU A 86 -10.32 1.70 23.74
C LEU A 86 -10.65 2.47 22.47
N ILE A 87 -10.04 3.64 22.29
CA ILE A 87 -10.11 4.43 21.07
C ILE A 87 -8.83 4.19 20.30
N TYR A 88 -8.95 3.89 19.01
CA TYR A 88 -7.76 3.62 18.22
C TYR A 88 -7.97 4.15 16.81
N SER A 89 -6.89 4.19 16.07
CA SER A 89 -6.87 4.67 14.70
C SER A 89 -6.36 3.56 13.78
N ASP A 90 -6.73 3.68 12.51
CA ASP A 90 -6.12 2.89 11.45
C ASP A 90 -5.75 3.92 10.39
N ILE A 91 -4.46 4.25 10.29
CA ILE A 91 -3.98 5.27 9.36
C ILE A 91 -3.65 4.61 8.01
N LYS A 92 -4.22 5.16 6.92
CA LYS A 92 -4.02 4.54 5.61
C LYS A 92 -3.03 5.30 4.75
N VAL A 93 -2.77 6.58 5.04
CA VAL A 93 -1.90 7.43 4.24
C VAL A 93 -0.96 8.13 5.22
N VAL A 94 0.35 7.92 5.03
CA VAL A 94 1.33 8.50 5.95
C VAL A 94 2.25 9.49 5.27
N ASP A 95 2.06 9.75 3.98
CA ASP A 95 2.88 10.68 3.23
C ASP A 95 2.02 11.66 2.46
N GLY A 96 2.53 12.88 2.32
CA GLY A 96 1.87 13.88 1.50
C GLY A 96 0.92 14.77 2.27
N PRO A 97 0.08 15.50 1.53
CA PRO A 97 -0.78 16.51 2.15
C PRO A 97 -1.90 15.95 2.99
N PHE A 98 -2.31 14.71 2.77
CA PHE A 98 -3.42 14.11 3.50
C PHE A 98 -2.90 13.05 4.47
N LYS A 99 -3.73 12.73 5.46
CA LYS A 99 -3.39 11.71 6.44
C LYS A 99 -4.61 10.84 6.68
N ASP A 100 -5.12 10.25 5.58
CA ASP A 100 -6.36 9.49 5.64
C ASP A 100 -6.27 8.40 6.70
N GLY A 101 -7.17 8.44 7.64
CA GLY A 101 -7.24 7.41 8.66
C GLY A 101 -8.52 7.57 9.44
N HIS A 102 -8.93 6.49 10.09
CA HIS A 102 -10.22 6.44 10.75
C HIS A 102 -10.05 6.07 12.22
N ASN A 103 -10.91 6.65 13.05
CA ASN A 103 -10.92 6.44 14.49
C ASN A 103 -12.12 5.59 14.91
N TYR A 104 -11.90 4.73 15.89
CA TYR A 104 -12.85 3.69 16.27
C TYR A 104 -12.86 3.56 17.78
N LEU A 105 -13.97 3.04 18.30
CA LEU A 105 -14.12 2.74 19.72
C LEU A 105 -14.54 1.28 19.89
N VAL A 106 -13.88 0.58 20.82
CA VAL A 106 -14.30 -0.77 21.22
C VAL A 106 -14.28 -0.81 22.75
N THR A 107 -14.99 -1.78 23.31
CA THR A 107 -15.15 -1.87 24.75
C THR A 107 -15.02 -3.32 25.21
N ALA A 108 -14.79 -3.49 26.50
CA ALA A 108 -14.61 -4.81 27.09
C ALA A 108 -14.75 -4.69 28.59
N ASP A 109 -15.11 -5.80 29.23
CA ASP A 109 -15.21 -5.76 30.68
C ASP A 109 -13.89 -6.07 31.37
N ALA A 110 -12.92 -6.63 30.66
CA ALA A 110 -11.57 -6.87 31.15
C ALA A 110 -10.62 -6.76 29.96
N VAL A 111 -9.38 -6.32 30.22
CA VAL A 111 -8.50 -6.00 29.10
C VAL A 111 -8.10 -7.25 28.32
N ASP A 112 -8.03 -8.40 28.99
CA ASP A 112 -7.75 -9.65 28.29
C ASP A 112 -9.02 -10.39 27.87
N GLY A 113 -10.18 -9.71 27.93
CA GLY A 113 -11.43 -10.30 27.50
C GLY A 113 -11.67 -10.12 26.01
N GLU A 114 -12.88 -10.49 25.59
CA GLU A 114 -13.29 -10.30 24.21
C GLU A 114 -13.76 -8.86 24.02
N TRP A 115 -13.13 -8.14 23.11
CA TRP A 115 -13.49 -6.77 22.87
C TRP A 115 -14.59 -6.71 21.81
N SER A 116 -15.39 -5.65 21.87
CA SER A 116 -16.50 -5.50 20.95
C SER A 116 -16.02 -5.23 19.53
N ASP A 117 -16.97 -5.26 18.60
CA ASP A 117 -16.65 -4.78 17.27
C ASP A 117 -16.75 -3.26 17.27
N PRO A 118 -16.04 -2.58 16.37
CA PRO A 118 -15.82 -1.14 16.55
C PRO A 118 -17.04 -0.28 16.18
N VAL A 119 -17.14 0.85 16.88
CA VAL A 119 -18.02 1.94 16.51
C VAL A 119 -17.17 2.97 15.76
N ARG A 120 -17.61 3.38 14.57
CA ARG A 120 -16.93 4.47 13.87
C ARG A 120 -17.10 5.78 14.62
N LEU A 121 -16.02 6.54 14.78
CA LEU A 121 -16.10 7.85 15.42
C LEU A 121 -15.98 8.95 14.37
N ASN A 122 -14.78 9.19 13.85
CA ASN A 122 -14.56 10.24 12.89
C ASN A 122 -13.27 9.90 12.14
N SER A 123 -12.89 10.76 11.20
CA SER A 123 -11.66 10.59 10.43
C SER A 123 -10.84 11.86 10.38
N SER A 124 -11.13 12.83 11.26
CA SER A 124 -10.66 14.20 11.07
C SER A 124 -9.24 14.44 11.54
N GLY A 125 -8.60 13.45 12.14
CA GLY A 125 -7.23 13.57 12.60
C GLY A 125 -6.94 12.51 13.62
N PHE A 126 -5.65 12.28 13.87
CA PHE A 126 -5.25 11.15 14.69
C PHE A 126 -5.17 11.56 16.17
N ASP A 127 -4.58 10.68 17.00
CA ASP A 127 -4.55 10.82 18.45
C ASP A 127 -5.93 11.02 19.09
N PRO A 128 -6.89 10.15 18.79
CA PRO A 128 -8.21 10.31 19.41
C PRO A 128 -8.14 9.96 20.90
N SER A 129 -8.92 10.69 21.70
CA SER A 129 -9.04 10.42 23.14
C SER A 129 -10.51 10.50 23.53
N LEU A 130 -10.90 9.68 24.51
CA LEU A 130 -12.27 9.72 25.03
C LEU A 130 -12.24 10.25 26.46
N PHE A 131 -13.04 11.28 26.73
CA PHE A 131 -13.07 11.94 28.02
C PHE A 131 -14.42 11.70 28.68
N HIS A 132 -14.40 11.25 29.94
CA HIS A 132 -15.61 10.97 30.70
C HIS A 132 -15.85 12.15 31.64
N ASP A 133 -16.75 13.05 31.23
CA ASP A 133 -17.01 14.25 32.00
C ASP A 133 -17.73 13.90 33.32
N PRO A 134 -17.45 14.64 34.39
CA PRO A 134 -18.17 14.38 35.67
C PRO A 134 -19.68 14.43 35.52
N SER A 135 -20.19 15.16 34.53
CA SER A 135 -21.61 15.27 34.26
C SER A 135 -22.22 13.99 33.68
N GLY A 136 -21.41 13.01 33.28
CA GLY A 136 -21.90 11.81 32.66
C GLY A 136 -21.83 11.82 31.15
N LYS A 137 -21.72 12.99 30.54
CA LYS A 137 -21.51 13.08 29.11
C LYS A 137 -20.11 12.60 28.75
N LYS A 138 -19.96 12.19 27.50
CA LYS A 138 -18.69 11.71 26.96
C LYS A 138 -18.29 12.61 25.80
N TYR A 139 -16.98 12.81 25.63
CA TYR A 139 -16.47 13.61 24.54
C TYR A 139 -15.29 12.92 23.89
N VAL A 140 -15.17 13.05 22.57
CA VAL A 140 -14.00 12.60 21.83
C VAL A 140 -13.18 13.82 21.44
N LEU A 141 -11.89 13.80 21.75
CA LEU A 141 -10.93 14.79 21.29
C LEU A 141 -9.97 14.16 20.30
N ASN A 142 -9.47 14.95 19.35
CA ASN A 142 -8.38 14.49 18.49
C ASN A 142 -7.74 15.71 17.86
N MET A 143 -6.55 15.53 17.31
CA MET A 143 -5.98 16.63 16.55
C MET A 143 -6.75 16.75 15.25
N LEU A 144 -6.71 17.95 14.67
CA LEU A 144 -7.40 18.25 13.43
C LEU A 144 -6.35 18.39 12.32
N TRP A 145 -6.44 17.54 11.29
CA TRP A 145 -5.46 17.55 10.21
C TRP A 145 -5.89 18.50 9.09
N ASP A 146 -5.02 19.45 8.73
CA ASP A 146 -5.34 20.44 7.71
C ASP A 146 -4.43 20.21 6.51
N HIS A 147 -4.99 19.71 5.42
CA HIS A 147 -4.24 19.40 4.22
C HIS A 147 -3.96 20.62 3.34
N ARG A 148 -4.52 21.78 3.66
CA ARG A 148 -4.45 22.90 2.73
C ARG A 148 -3.05 23.48 2.65
N GLU A 149 -2.68 23.93 1.44
CA GLU A 149 -1.28 24.20 1.12
C GLU A 149 -0.68 25.24 2.05
N LYS A 150 -1.40 26.31 2.33
CA LYS A 150 -0.81 27.44 3.04
C LYS A 150 -0.91 27.31 4.56
N HIS A 151 -1.43 26.21 5.09
CA HIS A 151 -1.77 26.05 6.50
C HIS A 151 -0.83 25.06 7.16
N HIS A 152 -0.40 25.36 8.39
CA HIS A 152 0.23 24.34 9.23
C HIS A 152 -0.73 23.16 9.39
N SER A 153 -0.21 21.94 9.22
CA SER A 153 -1.09 20.77 9.14
C SER A 153 -1.76 20.46 10.48
N PHE A 154 -1.13 20.82 11.58
CA PHE A 154 -1.69 20.53 12.90
C PHE A 154 -2.55 21.73 13.29
N ALA A 155 -3.84 21.64 12.95
CA ALA A 155 -4.76 22.77 13.00
C ALA A 155 -5.39 23.01 14.37
N GLY A 156 -5.06 22.20 15.38
CA GLY A 156 -5.55 22.39 16.73
C GLY A 156 -6.17 21.12 17.28
N ILE A 157 -6.84 21.26 18.42
CA ILE A 157 -7.49 20.17 19.11
C ILE A 157 -9.01 20.31 18.94
N ALA A 158 -9.64 19.30 18.36
CA ALA A 158 -11.09 19.28 18.18
C ALA A 158 -11.76 18.51 19.30
N LEU A 159 -13.01 18.90 19.60
CA LEU A 159 -13.81 18.33 20.68
C LEU A 159 -15.22 18.13 20.16
N GLN A 160 -15.82 16.97 20.44
CA GLN A 160 -17.17 16.70 19.99
C GLN A 160 -17.79 15.68 20.94
N GLU A 161 -19.08 15.83 21.22
CA GLU A 161 -19.75 14.95 22.17
C GLU A 161 -19.98 13.58 21.54
N TYR A 162 -19.81 12.54 22.35
CA TYR A 162 -20.14 11.18 21.94
C TYR A 162 -21.38 10.75 22.69
N SER A 163 -22.36 10.25 21.96
CA SER A 163 -23.59 9.73 22.55
C SER A 163 -23.44 8.23 22.70
N VAL A 164 -23.41 7.75 23.94
CA VAL A 164 -23.28 6.32 24.19
C VAL A 164 -24.48 5.57 23.64
N SER A 165 -25.66 6.16 23.74
CA SER A 165 -26.87 5.45 23.32
C SER A 165 -26.98 5.37 21.80
N GLU A 166 -26.64 6.45 21.08
CA GLU A 166 -26.72 6.41 19.62
C GLU A 166 -25.47 5.82 18.98
N LYS A 167 -24.41 5.59 19.76
CA LYS A 167 -23.15 5.05 19.25
C LYS A 167 -22.63 5.89 18.08
N LYS A 168 -22.51 7.18 18.31
CA LYS A 168 -22.01 8.10 17.29
C LYS A 168 -21.69 9.43 17.94
N LEU A 169 -20.84 10.19 17.26
CA LEU A 169 -20.62 11.58 17.64
C LEU A 169 -21.85 12.40 17.30
N VAL A 170 -22.19 13.33 18.19
CA VAL A 170 -23.39 14.15 18.02
C VAL A 170 -23.02 15.61 18.19
N GLY A 171 -23.87 16.47 17.63
CA GLY A 171 -23.74 17.89 17.84
C GLY A 171 -22.57 18.50 17.07
N GLU A 172 -22.11 19.63 17.58
CA GLU A 172 -21.10 20.46 16.94
C GLU A 172 -19.70 20.04 17.39
N ARG A 173 -18.76 20.04 16.44
CA ARG A 173 -17.36 19.92 16.82
C ARG A 173 -16.75 21.32 16.93
N LYS A 174 -15.86 21.50 17.90
CA LYS A 174 -15.24 22.79 18.15
C LYS A 174 -13.73 22.63 18.28
N VAL A 175 -13.00 23.61 17.81
CA VAL A 175 -11.55 23.68 18.07
C VAL A 175 -11.36 24.44 19.37
N ILE A 176 -10.89 23.75 20.40
CA ILE A 176 -10.78 24.34 21.73
C ILE A 176 -9.39 24.83 22.05
N PHE A 177 -8.39 24.52 21.22
CA PHE A 177 -7.01 24.81 21.56
C PHE A 177 -6.19 24.78 20.28
N LYS A 178 -5.40 25.82 20.07
CA LYS A 178 -4.58 25.91 18.87
C LYS A 178 -3.10 25.64 19.14
N GLY A 179 -2.69 25.48 20.40
CA GLY A 179 -1.31 25.14 20.71
C GLY A 179 -0.42 26.35 20.99
N THR A 180 0.89 26.07 21.12
CA THR A 180 1.90 27.09 21.35
C THR A 180 2.85 27.21 20.16
N PRO A 181 3.80 28.15 20.17
CA PRO A 181 4.79 28.24 19.07
C PRO A 181 5.56 26.98 18.75
N ILE A 182 5.64 26.02 19.69
CA ILE A 182 6.24 24.73 19.35
C ILE A 182 5.48 24.06 18.21
N LYS A 183 4.16 24.24 18.17
CA LYS A 183 3.28 23.73 17.11
C LYS A 183 3.31 22.22 17.05
N LEU A 184 2.80 21.65 15.94
CA LEU A 184 2.50 20.22 15.86
C LEU A 184 1.69 19.75 17.08
N THR A 185 0.68 20.54 17.44
CA THR A 185 -0.10 20.23 18.64
C THR A 185 -0.93 18.98 18.42
N GLN A 186 -0.79 18.00 19.32
CA GLN A 186 -1.45 16.71 19.11
C GLN A 186 -1.64 16.02 20.47
N ALA A 187 -1.98 14.73 20.43
CA ALA A 187 -2.12 13.93 21.64
C ALA A 187 -2.96 14.56 22.76
N PRO A 188 -4.18 15.01 22.48
CA PRO A 188 -4.95 15.71 23.52
C PRO A 188 -5.46 14.72 24.56
N HIS A 189 -5.32 15.06 25.83
CA HIS A 189 -6.03 14.36 26.91
C HIS A 189 -6.60 15.41 27.85
N LEU A 190 -7.88 15.24 28.19
CA LEU A 190 -8.54 16.11 29.15
C LEU A 190 -8.61 15.45 30.52
N TYR A 191 -8.48 16.27 31.57
CA TYR A 191 -8.61 15.84 32.94
C TYR A 191 -9.42 16.88 33.70
N TYR A 192 -10.33 16.43 34.56
CA TYR A 192 -11.12 17.34 35.39
C TYR A 192 -10.62 17.15 36.82
N ILE A 193 -9.98 18.20 37.34
CA ILE A 193 -9.23 18.11 38.59
C ILE A 193 -9.55 19.36 39.37
N ASN A 194 -10.08 19.18 40.58
CA ASN A 194 -10.43 20.30 41.45
C ASN A 194 -11.24 21.35 40.69
N ASP A 195 -12.23 20.86 39.94
CA ASP A 195 -13.19 21.70 39.22
C ASP A 195 -12.55 22.55 38.12
N VAL A 196 -11.36 22.18 37.64
CA VAL A 196 -10.69 22.85 36.52
C VAL A 196 -10.42 21.81 35.45
N TYR A 197 -10.57 22.20 34.18
CA TYR A 197 -10.25 21.32 33.07
C TYR A 197 -8.79 21.51 32.71
N TYR A 198 -8.03 20.43 32.68
CA TYR A 198 -6.65 20.43 32.22
C TYR A 198 -6.57 19.72 30.89
N LEU A 199 -6.01 20.39 29.89
CA LEU A 199 -5.79 19.84 28.56
C LEU A 199 -4.31 19.60 28.39
N LEU A 200 -3.92 18.34 28.28
CA LEU A 200 -2.54 17.95 28.07
C LEU A 200 -2.35 17.64 26.58
N THR A 201 -1.29 18.16 25.96
CA THR A 201 -1.02 17.90 24.56
C THR A 201 0.46 17.59 24.36
N ALA A 202 0.79 17.04 23.21
CA ALA A 202 2.16 16.94 22.75
C ALA A 202 2.38 18.01 21.69
N GLU A 203 3.64 18.45 21.56
CA GLU A 203 4.01 19.45 20.56
C GLU A 203 5.42 19.17 20.05
N GLY A 204 5.75 19.78 18.91
CA GLY A 204 7.09 19.69 18.35
C GLY A 204 7.39 18.48 17.51
N GLY A 205 6.45 17.55 17.36
CA GLY A 205 6.74 16.35 16.60
C GLY A 205 7.53 15.34 17.43
N THR A 206 7.50 14.10 16.99
CA THR A 206 8.00 13.01 17.81
C THR A 206 9.49 12.74 17.62
N ARG A 207 10.24 13.67 17.04
CA ARG A 207 11.69 13.53 17.05
C ARG A 207 12.27 14.36 18.19
N TYR A 208 13.42 15.01 18.02
CA TYR A 208 14.11 15.57 19.20
C TYR A 208 13.52 16.89 19.68
N GLU A 209 12.55 17.47 18.97
CA GLU A 209 11.87 18.66 19.48
C GLU A 209 10.64 18.31 20.30
N HIS A 210 10.35 17.03 20.51
CA HIS A 210 9.16 16.57 21.21
C HIS A 210 9.03 17.22 22.58
N ALA A 211 7.78 17.53 22.96
CA ALA A 211 7.51 18.15 24.25
C ALA A 211 6.08 17.82 24.67
N ALA A 212 5.81 17.92 25.98
CA ALA A 212 4.46 17.87 26.53
C ALA A 212 4.07 19.23 27.06
N THR A 213 2.89 19.69 26.65
CA THR A 213 2.35 21.01 26.97
C THR A 213 1.09 20.79 27.80
N ILE A 214 0.84 21.69 28.75
CA ILE A 214 -0.42 21.58 29.49
C ILE A 214 -1.05 22.95 29.62
N ALA A 215 -2.38 22.97 29.61
CA ALA A 215 -3.17 24.18 29.65
C ALA A 215 -4.38 23.92 30.52
N ARG A 216 -5.02 24.99 30.98
CA ARG A 216 -6.15 24.80 31.88
C ARG A 216 -7.24 25.83 31.60
N SER A 217 -8.48 25.46 31.93
CA SER A 217 -9.63 26.32 31.71
C SER A 217 -10.76 25.96 32.67
N SER A 218 -11.63 26.95 32.91
CA SER A 218 -12.84 26.71 33.71
C SER A 218 -13.92 25.95 32.94
N ARG A 219 -13.93 26.06 31.61
CA ARG A 219 -14.93 25.40 30.78
C ARG A 219 -14.27 24.41 29.86
N ILE A 220 -14.98 23.33 29.54
CA ILE A 220 -14.42 22.25 28.72
C ILE A 220 -14.00 22.77 27.36
N ASP A 221 -14.71 23.76 26.80
CA ASP A 221 -14.41 24.24 25.47
C ASP A 221 -13.58 25.51 25.46
N GLY A 222 -12.97 25.85 26.59
CA GLY A 222 -11.96 26.88 26.65
C GLY A 222 -12.55 28.25 26.83
N PRO A 223 -11.72 29.29 26.62
CA PRO A 223 -10.33 29.15 26.16
C PRO A 223 -9.39 28.68 27.27
N TYR A 224 -8.23 28.19 26.85
CA TYR A 224 -7.29 27.54 27.76
C TYR A 224 -6.07 28.43 27.96
N GLU A 225 -5.62 28.51 29.20
CA GLU A 225 -4.42 29.23 29.58
C GLU A 225 -3.27 28.24 29.69
N VAL A 226 -2.11 28.63 29.18
CA VAL A 226 -0.95 27.75 29.08
C VAL A 226 -0.10 27.83 30.36
N HIS A 227 0.43 26.66 30.79
CA HIS A 227 1.36 26.53 31.90
C HIS A 227 2.43 27.62 31.86
N PRO A 228 2.71 28.31 32.98
CA PRO A 228 3.68 29.42 32.94
C PRO A 228 5.10 29.00 32.63
N ASP A 229 5.44 27.73 32.83
CA ASP A 229 6.76 27.18 32.55
C ASP A 229 6.67 26.11 31.46
N ASN A 230 5.80 26.35 30.47
CA ASN A 230 5.63 25.37 29.41
C ASN A 230 6.92 25.26 28.58
N PRO A 231 7.25 24.05 28.07
CA PRO A 231 6.54 22.78 28.29
C PRO A 231 6.90 22.15 29.62
N ILE A 232 6.05 21.26 30.11
CA ILE A 232 6.33 20.59 31.38
C ILE A 232 7.29 19.42 31.20
N LEU A 233 7.44 18.93 29.98
CA LEU A 233 8.36 17.84 29.70
C LEU A 233 8.97 18.07 28.33
N THR A 234 10.31 18.04 28.24
CA THR A 234 11.03 18.06 26.98
C THR A 234 12.50 17.86 27.27
N ALA A 235 13.23 17.31 26.29
CA ALA A 235 14.68 17.29 26.34
C ALA A 235 15.30 18.01 25.15
N PHE A 236 14.50 18.83 24.46
CA PHE A 236 14.96 19.53 23.26
C PHE A 236 16.26 20.29 23.51
N HIS A 237 16.35 20.96 24.66
CA HIS A 237 17.48 21.81 24.99
C HIS A 237 18.65 21.05 25.59
N ALA A 238 18.56 19.72 25.77
CA ALA A 238 19.54 18.93 26.52
C ALA A 238 19.96 17.71 25.72
N PRO A 239 20.76 17.91 24.66
CA PRO A 239 21.10 16.78 23.78
C PRO A 239 21.80 15.63 24.50
N SER A 240 22.44 15.88 25.64
CA SER A 240 23.18 14.83 26.33
C SER A 240 22.34 14.05 27.33
N HIS A 241 21.09 14.45 27.56
CA HIS A 241 20.24 13.74 28.51
C HIS A 241 19.98 12.31 28.03
N PRO A 242 19.92 11.32 28.94
CA PRO A 242 19.73 9.93 28.48
C PRO A 242 18.35 9.65 27.91
N LEU A 243 17.32 10.37 28.36
CA LEU A 243 16.00 10.29 27.73
C LEU A 243 15.85 11.42 26.71
N GLN A 244 15.46 11.07 25.48
CA GLN A 244 15.21 12.04 24.43
C GLN A 244 13.80 11.90 23.89
N LYS A 245 13.39 12.86 23.07
CA LYS A 245 12.11 12.80 22.39
C LYS A 245 10.95 12.69 23.37
N CYS A 246 11.06 13.37 24.53
CA CYS A 246 10.11 13.11 25.61
C CYS A 246 8.84 13.92 25.38
N GLY A 247 7.72 13.23 25.29
CA GLY A 247 6.46 13.85 24.95
C GLY A 247 5.40 12.79 24.79
N HIS A 248 4.23 13.21 24.29
CA HIS A 248 3.06 12.34 24.16
C HIS A 248 2.77 11.65 25.48
N ALA A 249 2.42 12.46 26.46
CA ALA A 249 2.25 12.05 27.83
C ALA A 249 0.77 11.80 28.17
N SER A 250 0.55 11.02 29.24
CA SER A 250 -0.77 10.90 29.88
C SER A 250 -0.59 10.87 31.40
N ILE A 251 -1.61 11.32 32.12
CA ILE A 251 -1.52 11.54 33.55
C ILE A 251 -2.43 10.56 34.26
N VAL A 252 -1.96 9.99 35.37
CA VAL A 252 -2.82 9.21 36.24
C VAL A 252 -2.69 9.73 37.67
N GLN A 253 -3.81 9.78 38.37
CA GLN A 253 -3.83 9.90 39.82
C GLN A 253 -3.99 8.52 40.43
N THR A 254 -3.03 8.10 41.26
CA THR A 254 -3.09 6.80 41.90
C THR A 254 -4.12 6.79 43.03
N HIS A 255 -4.49 5.58 43.45
CA HIS A 255 -5.39 5.42 44.58
C HIS A 255 -4.74 5.81 45.89
N THR A 256 -3.42 6.05 45.90
CA THR A 256 -2.72 6.63 47.02
C THR A 256 -2.67 8.16 46.96
N ASN A 257 -3.37 8.76 46.01
CA ASN A 257 -3.43 10.22 45.86
C ASN A 257 -2.06 10.79 45.51
N GLU A 258 -1.34 10.11 44.63
CA GLU A 258 -0.10 10.62 44.06
C GLU A 258 -0.30 10.73 42.55
N TRP A 259 0.56 11.50 41.89
CA TRP A 259 0.35 11.87 40.49
C TRP A 259 1.55 11.47 39.66
N TYR A 260 1.29 10.85 38.51
CA TYR A 260 2.36 10.34 37.66
C TYR A 260 2.04 10.65 36.22
N LEU A 261 3.10 10.75 35.42
CA LEU A 261 2.98 11.09 34.00
C LEU A 261 3.73 10.05 33.21
N ALA A 262 3.01 9.30 32.37
CA ALA A 262 3.63 8.35 31.43
C ALA A 262 3.89 9.08 30.12
N HIS A 263 5.01 8.78 29.47
CA HIS A 263 5.37 9.50 28.25
C HIS A 263 6.25 8.62 27.38
N LEU A 264 6.33 8.95 26.09
CA LEU A 264 7.26 8.18 25.26
C LEU A 264 8.63 8.84 25.30
N THR A 265 9.65 8.09 24.90
CA THR A 265 11.02 8.59 24.92
C THR A 265 11.87 7.68 24.04
N GLY A 266 12.96 8.23 23.50
CA GLY A 266 13.95 7.44 22.77
C GLY A 266 15.28 7.43 23.51
N ARG A 267 16.03 6.34 23.40
CA ARG A 267 17.38 6.25 23.97
C ARG A 267 18.36 6.13 22.82
N PRO A 268 18.90 7.23 22.33
CA PRO A 268 19.68 7.19 21.09
C PRO A 268 21.10 6.67 21.28
N ILE A 269 21.60 6.06 20.21
CA ILE A 269 23.01 5.72 20.04
C ILE A 269 23.67 6.89 19.31
N HIS A 270 24.82 7.33 19.81
CA HIS A 270 25.54 8.47 19.26
C HIS A 270 26.75 8.01 18.47
N SER A 271 27.20 8.88 17.58
CA SER A 271 28.43 8.68 16.84
C SER A 271 29.55 9.50 17.47
N SER A 272 30.75 8.90 17.57
CA SER A 272 31.87 9.69 18.09
C SER A 272 32.34 10.73 17.08
N LYS A 273 32.08 10.52 15.79
CA LYS A 273 32.50 11.44 14.72
C LYS A 273 31.62 12.69 14.62
N GLU A 274 30.49 12.72 15.31
CA GLU A 274 29.55 13.82 15.15
C GLU A 274 29.36 14.57 16.45
N SER A 275 28.90 15.82 16.33
CA SER A 275 28.47 16.55 17.51
C SER A 275 27.07 16.11 17.89
N ILE A 276 26.88 15.80 19.17
CA ILE A 276 25.57 15.40 19.67
C ILE A 276 24.54 16.52 19.56
N PHE A 277 25.00 17.78 19.43
CA PHE A 277 24.07 18.89 19.22
C PHE A 277 23.55 18.93 17.80
N GLN A 278 24.33 18.42 16.85
CA GLN A 278 23.95 18.40 15.45
C GLN A 278 23.33 17.08 15.04
N GLN A 279 23.85 15.98 15.55
CA GLN A 279 23.39 14.63 15.20
C GLN A 279 22.91 14.05 16.52
N ARG A 280 21.60 14.15 16.75
CA ARG A 280 21.05 13.83 18.06
C ARG A 280 21.06 12.33 18.35
N GLY A 281 21.19 11.47 17.33
CA GLY A 281 21.41 10.04 17.56
C GLY A 281 20.41 9.17 16.83
N TRP A 282 20.57 7.85 17.01
CA TRP A 282 19.78 6.85 16.31
C TRP A 282 19.23 5.86 17.34
N CYS A 283 17.93 5.55 17.24
CA CYS A 283 17.23 4.73 18.22
C CYS A 283 16.73 3.44 17.56
N PRO A 284 17.53 2.36 17.58
CA PRO A 284 17.01 1.09 17.05
C PRO A 284 15.91 0.47 17.91
N LEU A 285 15.84 0.75 19.21
CA LEU A 285 14.75 0.24 20.01
C LEU A 285 13.47 1.08 19.89
N GLY A 286 13.47 2.07 18.99
CA GLY A 286 12.26 2.85 18.73
C GLY A 286 11.91 3.77 19.89
N ARG A 287 10.62 4.08 20.00
CA ARG A 287 10.13 4.91 21.09
C ARG A 287 9.58 4.00 22.18
N GLU A 288 10.07 4.20 23.40
CA GLU A 288 9.81 3.40 24.58
C GLU A 288 8.94 4.23 25.54
N THR A 289 8.52 3.63 26.66
CA THR A 289 7.68 4.33 27.63
C THR A 289 8.39 4.50 28.97
N ALA A 290 8.34 5.70 29.50
CA ALA A 290 8.84 6.08 30.81
C ALA A 290 7.70 6.69 31.63
N ILE A 291 7.91 6.79 32.94
CA ILE A 291 6.95 7.36 33.87
C ILE A 291 7.70 8.35 34.76
N GLN A 292 7.14 9.54 34.93
CA GLN A 292 7.69 10.54 35.83
C GLN A 292 6.67 10.84 36.92
N LYS A 293 7.18 11.31 38.07
CA LYS A 293 6.33 11.80 39.15
C LYS A 293 6.00 13.27 38.95
N LEU A 294 4.81 13.67 39.39
CA LEU A 294 4.35 15.05 39.30
C LEU A 294 4.20 15.64 40.69
N GLU A 295 4.48 16.94 40.82
CA GLU A 295 4.11 17.71 42.01
C GLU A 295 3.34 18.94 41.57
N TRP A 296 2.46 19.43 42.44
CA TRP A 296 1.56 20.54 42.10
C TRP A 296 1.98 21.79 42.82
N LYS A 297 1.95 22.93 42.11
CA LYS A 297 2.16 24.24 42.71
C LYS A 297 1.25 25.25 42.04
N ASP A 298 0.47 25.98 42.83
CA ASP A 298 -0.46 27.00 42.32
C ASP A 298 -1.35 26.46 41.20
N GLY A 299 -1.77 25.21 41.33
CA GLY A 299 -2.70 24.65 40.39
C GLY A 299 -2.09 24.17 39.09
N TRP A 300 -0.77 24.05 39.01
CA TRP A 300 -0.07 23.57 37.83
C TRP A 300 0.79 22.39 38.20
N PRO A 301 0.85 21.35 37.37
CA PRO A 301 1.76 20.24 37.66
C PRO A 301 3.16 20.51 37.11
N TYR A 302 4.14 19.93 37.80
CA TYR A 302 5.55 19.99 37.41
C TYR A 302 6.17 18.59 37.54
N VAL A 303 7.12 18.30 36.66
CA VAL A 303 7.81 17.02 36.66
C VAL A 303 8.92 17.05 37.71
N VAL A 304 8.86 16.10 38.67
CA VAL A 304 9.89 16.01 39.70
C VAL A 304 11.25 15.77 39.06
N GLY A 305 12.22 16.60 39.43
CA GLY A 305 13.55 16.49 38.88
C GLY A 305 13.82 17.38 37.68
N GLY A 306 12.81 18.05 37.15
CA GLY A 306 12.99 18.96 36.04
C GLY A 306 12.28 18.46 34.79
N LYS A 307 12.32 19.32 33.76
CA LYS A 307 11.57 19.07 32.53
C LYS A 307 12.06 17.85 31.77
N GLU A 308 13.32 17.47 31.95
CA GLU A 308 13.96 16.47 31.10
C GLU A 308 13.61 15.04 31.49
N GLY A 309 13.06 14.82 32.68
CA GLY A 309 12.78 13.47 33.15
C GLY A 309 13.96 12.83 33.85
N LEU A 310 13.67 11.83 34.69
CA LEU A 310 14.69 11.08 35.41
C LEU A 310 14.71 9.64 34.93
N LEU A 311 15.88 9.01 35.07
CA LEU A 311 16.00 7.57 34.87
C LEU A 311 15.42 6.78 36.04
N GLU A 312 15.50 7.31 37.25
CA GLU A 312 15.08 6.62 38.47
C GLU A 312 14.08 7.51 39.18
N VAL A 313 12.82 7.07 39.26
CA VAL A 313 11.72 7.93 39.69
C VAL A 313 11.12 7.38 40.99
N GLU A 314 10.76 8.27 41.91
CA GLU A 314 10.17 7.85 43.18
C GLU A 314 8.82 7.17 42.95
N ALA A 315 8.71 5.92 43.41
CA ALA A 315 7.53 5.09 43.19
C ALA A 315 6.42 5.44 44.18
N PRO A 316 5.17 5.16 43.83
CA PRO A 316 4.07 5.45 44.75
C PRO A 316 4.08 4.48 45.94
N ALA A 317 3.32 4.82 46.97
CA ALA A 317 3.33 4.06 48.22
C ALA A 317 2.39 2.85 48.10
N MET A 318 2.82 1.87 47.29
CA MET A 318 2.12 0.61 47.11
C MET A 318 3.07 -0.54 47.42
N SER A 319 2.48 -1.71 47.71
CA SER A 319 3.28 -2.91 47.86
C SER A 319 3.90 -3.30 46.53
N VAL A 320 5.17 -3.71 46.58
CA VAL A 320 5.86 -4.14 45.38
C VAL A 320 5.22 -5.42 44.88
N LYS A 321 4.97 -5.50 43.56
CA LYS A 321 4.42 -6.72 42.96
C LYS A 321 5.22 -6.97 41.68
N GLU A 322 6.24 -7.83 41.78
CA GLU A 322 7.03 -8.23 40.64
C GLU A 322 6.30 -9.33 39.87
N PHE A 323 6.46 -9.31 38.55
CA PHE A 323 5.90 -10.35 37.70
C PHE A 323 7.01 -11.24 37.16
N SER A 324 6.68 -12.52 36.96
CA SER A 324 7.57 -13.42 36.25
C SER A 324 7.52 -13.12 34.74
N PRO A 325 8.52 -13.60 33.99
CA PRO A 325 8.55 -13.31 32.55
C PRO A 325 7.37 -13.92 31.81
N THR A 326 7.03 -13.31 30.68
CA THR A 326 5.92 -13.75 29.84
C THR A 326 6.39 -14.38 28.53
N TYR A 327 7.71 -14.58 28.37
CA TYR A 327 8.26 -15.35 27.27
C TYR A 327 9.32 -16.31 27.81
N HIS A 328 9.54 -17.40 27.08
CA HIS A 328 10.63 -18.32 27.39
C HIS A 328 11.89 -17.84 26.69
N ILE A 329 13.02 -17.87 27.40
CA ILE A 329 14.30 -17.59 26.75
C ILE A 329 14.47 -18.48 25.52
N VAL A 330 14.20 -19.77 25.65
CA VAL A 330 14.24 -20.69 24.52
C VAL A 330 12.82 -21.22 24.31
N ASP A 331 12.15 -20.70 23.28
CA ASP A 331 10.80 -21.13 22.96
C ASP A 331 10.89 -22.32 22.00
N GLU A 332 10.41 -23.49 22.42
CA GLU A 332 10.48 -24.69 21.58
C GLU A 332 9.19 -25.00 20.83
N PHE A 333 8.22 -24.09 20.83
CA PHE A 333 7.01 -24.22 20.00
C PHE A 333 6.24 -25.49 20.34
N LYS A 334 6.27 -25.89 21.60
CA LYS A 334 5.47 -27.01 22.06
C LYS A 334 4.01 -26.61 22.26
N ASP A 335 3.74 -25.33 22.47
CA ASP A 335 2.37 -24.85 22.66
C ASP A 335 1.70 -24.60 21.33
N SER A 336 0.39 -24.73 21.31
CA SER A 336 -0.37 -24.60 20.08
C SER A 336 -0.81 -23.17 19.80
N SER A 337 -0.45 -22.22 20.68
CA SER A 337 -0.62 -20.80 20.45
C SER A 337 0.75 -20.14 20.45
N LEU A 338 0.94 -19.17 19.56
CA LEU A 338 2.18 -18.42 19.55
C LEU A 338 2.29 -17.59 20.81
N ASN A 339 3.50 -17.54 21.36
CA ASN A 339 3.75 -16.69 22.53
C ASN A 339 3.40 -15.23 22.24
N ARG A 340 2.92 -14.52 23.28
CA ARG A 340 2.33 -13.19 23.13
C ARG A 340 3.34 -12.12 22.72
N HIS A 341 4.65 -12.39 22.79
CA HIS A 341 5.62 -11.41 22.32
C HIS A 341 5.85 -11.48 20.82
N PHE A 342 5.37 -12.53 20.16
CA PHE A 342 5.48 -12.61 18.70
C PHE A 342 4.35 -11.86 18.02
N GLN A 343 4.67 -11.10 16.96
CA GLN A 343 3.64 -10.50 16.11
C GLN A 343 3.88 -10.88 14.65
N THR A 344 2.86 -10.68 13.83
CA THR A 344 2.96 -10.79 12.39
C THR A 344 2.75 -9.42 11.76
N LEU A 345 3.11 -9.28 10.49
CA LEU A 345 2.90 -8.02 9.80
C LEU A 345 1.49 -8.00 9.22
N ARG A 346 0.67 -7.06 9.71
CA ARG A 346 -0.56 -6.60 9.08
C ARG A 346 -1.71 -7.60 9.19
N ILE A 347 -1.46 -8.89 8.98
CA ILE A 347 -2.52 -9.89 8.89
C ILE A 347 -2.43 -10.88 10.05
N PRO A 348 -3.53 -11.52 10.42
CA PRO A 348 -3.50 -12.55 11.47
C PRO A 348 -2.59 -13.71 11.11
N PHE A 349 -2.11 -14.39 12.15
CA PHE A 349 -1.41 -15.66 11.98
C PHE A 349 -2.44 -16.78 11.75
N THR A 350 -2.54 -17.25 10.51
CA THR A 350 -3.38 -18.37 10.11
C THR A 350 -2.59 -19.31 9.20
N ASP A 351 -3.25 -20.41 8.82
CA ASP A 351 -2.75 -21.35 7.81
C ASP A 351 -2.29 -20.70 6.51
N GLN A 352 -2.75 -19.49 6.20
CA GLN A 352 -2.21 -18.80 5.03
C GLN A 352 -0.70 -18.66 5.11
N ILE A 353 -0.16 -18.36 6.31
CA ILE A 353 1.28 -18.16 6.46
C ILE A 353 1.97 -19.18 7.36
N GLY A 354 1.27 -19.87 8.27
CA GLY A 354 2.01 -20.78 9.12
C GLY A 354 1.14 -21.58 10.06
N SER A 355 1.82 -22.43 10.84
CA SER A 355 1.14 -23.29 11.80
C SER A 355 2.12 -23.76 12.87
N VAL A 356 1.66 -23.83 14.12
CA VAL A 356 2.42 -24.52 15.17
C VAL A 356 1.88 -25.92 15.47
N THR A 357 0.82 -26.35 14.77
CA THR A 357 0.25 -27.67 15.02
C THR A 357 0.46 -28.67 13.89
N GLU A 358 0.77 -28.20 12.68
CA GLU A 358 0.89 -29.12 11.55
C GLU A 358 2.07 -30.07 11.73
N ASN A 359 3.20 -29.57 12.20
CA ASN A 359 4.36 -30.38 12.53
C ASN A 359 4.67 -30.10 13.99
N PRO A 360 4.33 -31.01 14.90
CA PRO A 360 4.37 -30.68 16.33
C PRO A 360 5.77 -30.34 16.82
N HIS A 361 5.83 -29.34 17.71
CA HIS A 361 7.06 -28.81 18.30
C HIS A 361 7.89 -28.02 17.31
N HIS A 362 7.26 -27.51 16.25
CA HIS A 362 7.92 -26.63 15.29
C HIS A 362 6.97 -25.51 14.92
N LEU A 363 7.55 -24.34 14.66
CA LEU A 363 6.83 -23.32 13.91
C LEU A 363 7.05 -23.60 12.44
N ARG A 364 5.99 -23.96 11.72
CA ARG A 364 6.05 -24.14 10.28
C ARG A 364 5.59 -22.86 9.58
N LEU A 365 6.41 -22.34 8.67
CA LEU A 365 6.05 -21.16 7.89
C LEU A 365 5.99 -21.55 6.43
N TYR A 366 4.87 -21.23 5.78
CA TYR A 366 4.66 -21.50 4.36
C TYR A 366 5.15 -20.30 3.56
N GLY A 367 6.15 -20.52 2.71
CA GLY A 367 6.71 -19.46 1.88
C GLY A 367 5.66 -18.61 1.20
N GLN A 368 5.71 -17.30 1.45
CA GLN A 368 4.83 -16.35 0.80
C GLN A 368 5.65 -15.21 0.22
N GLU A 369 5.20 -13.97 0.42
CA GLU A 369 5.81 -12.87 -0.34
C GLU A 369 7.12 -12.43 0.32
N SER A 370 7.85 -11.57 -0.40
CA SER A 370 9.15 -11.11 0.07
C SER A 370 8.99 -10.17 1.27
N LEU A 371 10.13 -9.85 1.89
CA LEU A 371 10.13 -8.91 3.00
C LEU A 371 9.83 -7.47 2.58
N THR A 372 9.76 -7.19 1.29
CA THR A 372 9.38 -5.87 0.80
C THR A 372 7.87 -5.73 0.59
N SER A 373 7.09 -6.77 0.86
CA SER A 373 5.67 -6.76 0.56
C SER A 373 4.85 -6.23 1.72
N LYS A 374 3.89 -5.35 1.43
CA LYS A 374 2.94 -4.89 2.44
C LYS A 374 1.68 -5.74 2.49
N PHE A 375 1.73 -6.98 2.02
CA PHE A 375 0.51 -7.77 1.90
C PHE A 375 0.60 -9.04 2.76
N THR A 376 1.12 -10.14 2.21
CA THR A 376 1.13 -11.42 2.94
C THR A 376 2.56 -11.95 3.13
N GLN A 377 3.18 -11.64 4.28
CA GLN A 377 4.51 -12.15 4.63
C GLN A 377 4.40 -13.27 5.64
N ALA A 378 5.11 -14.37 5.39
CA ALA A 378 5.19 -15.47 6.36
C ALA A 378 6.40 -15.18 7.27
N PHE A 379 6.15 -14.34 8.28
CA PHE A 379 7.19 -13.73 9.08
C PHE A 379 6.63 -13.57 10.49
N VAL A 380 7.30 -14.18 11.47
CA VAL A 380 6.89 -14.08 12.88
C VAL A 380 8.07 -13.51 13.64
N ALA A 381 7.83 -12.40 14.38
CA ALA A 381 8.92 -11.58 14.92
C ALA A 381 8.59 -11.02 16.29
N ARG A 382 9.64 -10.63 17.02
CA ARG A 382 9.47 -9.99 18.33
C ARG A 382 10.42 -8.80 18.41
N ARG A 383 10.14 -7.90 19.35
CA ARG A 383 10.86 -6.64 19.39
C ARG A 383 12.29 -6.83 19.91
N TRP A 384 13.22 -6.06 19.36
CA TRP A 384 14.46 -5.78 20.08
C TRP A 384 14.09 -5.03 21.35
N GLN A 385 14.50 -5.54 22.51
CA GLN A 385 14.19 -4.81 23.75
C GLN A 385 15.42 -4.60 24.61
N SER A 386 16.60 -4.81 24.07
CA SER A 386 17.85 -4.57 24.77
C SER A 386 18.88 -4.17 23.72
N PHE A 387 19.85 -3.34 24.10
CA PHE A 387 20.91 -3.03 23.18
C PHE A 387 21.87 -4.21 22.98
N TYR A 388 21.86 -5.16 23.91
CA TYR A 388 22.76 -6.31 23.87
C TYR A 388 21.93 -7.57 24.06
N PHE A 389 21.93 -8.43 23.05
CA PHE A 389 21.21 -9.70 23.14
C PHE A 389 21.68 -10.63 22.04
N GLU A 390 21.34 -11.91 22.21
CA GLU A 390 21.49 -12.91 21.17
C GLU A 390 20.13 -13.50 20.84
N ALA A 391 19.87 -13.70 19.55
CA ALA A 391 18.69 -14.41 19.10
C ALA A 391 19.15 -15.55 18.21
N GLU A 392 18.45 -16.68 18.29
CA GLU A 392 18.93 -17.89 17.65
C GLU A 392 17.75 -18.74 17.24
N THR A 393 17.85 -19.40 16.07
CA THR A 393 16.85 -20.35 15.64
C THR A 393 17.53 -21.48 14.88
N ALA A 394 16.75 -22.53 14.60
CA ALA A 394 17.20 -23.68 13.83
C ALA A 394 16.11 -24.01 12.82
N VAL A 395 16.47 -24.12 11.55
CA VAL A 395 15.48 -24.22 10.49
C VAL A 395 15.73 -25.49 9.68
N SER A 396 14.65 -26.22 9.41
CA SER A 396 14.64 -27.29 8.43
C SER A 396 14.00 -26.76 7.16
N PHE A 397 14.77 -26.69 6.07
CA PHE A 397 14.26 -26.07 4.85
C PHE A 397 15.04 -26.65 3.68
N PHE A 398 14.33 -27.12 2.67
CA PHE A 398 14.95 -27.77 1.51
C PHE A 398 14.48 -27.13 0.22
N PRO A 399 14.98 -25.93 -0.06
CA PRO A 399 14.54 -25.20 -1.25
C PRO A 399 15.01 -25.90 -2.52
N LYS A 400 14.18 -25.77 -3.56
CA LYS A 400 14.47 -26.38 -4.85
C LYS A 400 14.67 -25.36 -5.97
N ASN A 401 14.40 -24.07 -5.75
CA ASN A 401 14.71 -23.05 -6.74
C ASN A 401 15.12 -21.78 -6.00
N PHE A 402 15.69 -20.83 -6.75
CA PHE A 402 16.27 -19.65 -6.13
C PHE A 402 15.23 -18.70 -5.56
N GLN A 403 13.95 -18.92 -5.83
CA GLN A 403 12.89 -18.06 -5.32
C GLN A 403 12.36 -18.48 -3.94
N GLN A 404 13.00 -19.46 -3.31
CA GLN A 404 12.63 -19.99 -2.01
C GLN A 404 13.74 -19.72 -1.01
N ALA A 405 13.39 -19.15 0.14
CA ALA A 405 14.41 -18.76 1.10
C ALA A 405 13.76 -18.67 2.48
N ALA A 406 14.50 -19.08 3.52
CA ALA A 406 13.94 -19.07 4.86
C ALA A 406 15.05 -18.91 5.89
N GLY A 407 14.77 -18.17 6.97
CA GLY A 407 15.81 -18.00 7.98
C GLY A 407 15.52 -16.93 9.00
N LEU A 408 16.61 -16.30 9.47
CA LEU A 408 16.59 -15.33 10.55
C LEU A 408 16.67 -13.91 9.99
N VAL A 409 15.83 -13.01 10.51
CA VAL A 409 15.66 -11.70 9.93
C VAL A 409 15.74 -10.66 11.03
N ASN A 410 16.34 -9.52 10.72
CA ASN A 410 16.23 -8.33 11.56
C ASN A 410 15.62 -7.23 10.72
N TYR A 411 14.59 -6.59 11.24
CA TYR A 411 13.62 -5.91 10.40
C TYR A 411 13.14 -4.62 11.03
N TYR A 412 13.08 -3.55 10.23
CA TYR A 412 12.41 -2.31 10.60
C TYR A 412 11.17 -2.07 9.75
N ASN A 413 11.27 -2.01 8.42
CA ASN A 413 10.09 -1.90 7.59
C ASN A 413 10.39 -2.58 6.25
N THR A 414 9.44 -2.49 5.30
CA THR A 414 9.60 -3.25 4.06
C THR A 414 10.84 -2.84 3.26
N GLU A 415 11.42 -1.67 3.54
CA GLU A 415 12.58 -1.16 2.82
C GLU A 415 13.88 -1.28 3.61
N ASN A 416 13.84 -1.76 4.85
CA ASN A 416 14.99 -1.70 5.75
C ASN A 416 15.02 -2.97 6.60
N TRP A 417 15.93 -3.89 6.25
CA TRP A 417 16.02 -5.19 6.92
C TRP A 417 17.27 -5.90 6.45
N THR A 418 17.67 -6.91 7.23
CA THR A 418 18.68 -7.87 6.80
C THR A 418 18.16 -9.27 7.09
N ALA A 419 18.58 -10.23 6.29
CA ALA A 419 18.08 -11.60 6.40
C ALA A 419 19.20 -12.58 6.12
N LEU A 420 19.37 -13.55 7.01
CA LEU A 420 20.26 -14.69 6.79
C LEU A 420 19.37 -15.90 6.52
N GLN A 421 19.37 -16.38 5.27
CA GLN A 421 18.40 -17.37 4.83
C GLN A 421 19.08 -18.54 4.14
N VAL A 422 18.53 -19.73 4.38
CA VAL A 422 18.77 -20.91 3.56
C VAL A 422 18.04 -20.74 2.23
N THR A 423 18.78 -20.86 1.13
CA THR A 423 18.17 -20.76 -0.19
C THR A 423 18.89 -21.72 -1.13
N TYR A 424 18.60 -21.59 -2.41
CA TYR A 424 19.00 -22.55 -3.41
C TYR A 424 19.66 -21.85 -4.58
N ASP A 425 20.81 -22.38 -5.01
CA ASP A 425 21.50 -21.91 -6.20
C ASP A 425 21.51 -23.05 -7.22
N ASP A 426 21.25 -22.73 -8.49
CA ASP A 426 21.20 -23.77 -9.52
C ASP A 426 22.56 -24.44 -9.74
N ALA A 427 23.66 -23.73 -9.44
CA ALA A 427 24.99 -24.28 -9.62
C ALA A 427 25.62 -24.79 -8.34
N LEU A 428 24.99 -24.58 -7.18
CA LEU A 428 25.60 -24.95 -5.90
C LEU A 428 24.71 -25.78 -4.98
N GLY A 429 23.40 -25.85 -5.22
CA GLY A 429 22.53 -26.51 -4.26
C GLY A 429 22.10 -25.57 -3.16
N ARG A 430 21.77 -26.14 -2.00
CA ARG A 430 21.40 -25.32 -0.84
C ARG A 430 22.57 -24.49 -0.37
N ILE A 431 22.32 -23.17 -0.21
CA ILE A 431 23.33 -22.26 0.30
C ILE A 431 22.72 -21.43 1.42
N LEU A 432 23.58 -20.81 2.20
CA LEU A 432 23.22 -19.81 3.19
C LEU A 432 23.60 -18.43 2.68
N GLU A 433 22.61 -17.55 2.54
CA GLU A 433 22.79 -16.26 1.89
C GLU A 433 22.39 -15.13 2.83
N LEU A 434 23.17 -14.04 2.81
CA LEU A 434 22.91 -12.83 3.57
C LEU A 434 22.42 -11.75 2.63
N SER A 435 21.22 -11.22 2.88
CA SER A 435 20.64 -10.19 2.04
C SER A 435 20.44 -8.94 2.89
N VAL A 436 20.68 -7.78 2.30
CA VAL A 436 20.63 -6.51 3.00
C VAL A 436 19.79 -5.54 2.19
N CYS A 437 18.82 -4.91 2.85
CA CYS A 437 17.95 -3.96 2.18
C CYS A 437 17.99 -2.67 2.99
N GLU A 438 18.41 -1.58 2.36
CA GLU A 438 18.71 -0.35 3.09
C GLU A 438 18.06 0.80 2.32
N ASN A 439 16.93 1.27 2.85
CA ASN A 439 16.06 2.19 2.14
C ASN A 439 15.86 1.72 0.71
N LEU A 440 15.61 0.40 0.58
CA LEU A 440 15.23 -0.34 -0.62
C LEU A 440 16.41 -0.56 -1.56
N ALA A 441 17.62 -0.15 -1.18
CA ALA A 441 18.82 -0.53 -1.91
C ALA A 441 19.25 -1.93 -1.46
N PHE A 442 19.32 -2.86 -2.39
CA PHE A 442 19.44 -4.28 -2.10
C PHE A 442 20.84 -4.76 -2.42
N SER A 443 21.44 -5.49 -1.49
CA SER A 443 22.73 -6.13 -1.73
C SER A 443 22.80 -7.50 -1.07
N GLN A 444 23.69 -8.34 -1.62
CA GLN A 444 23.99 -9.65 -1.06
C GLN A 444 25.51 -9.73 -1.00
N PRO A 445 26.10 -9.27 0.11
CA PRO A 445 27.53 -8.93 0.13
C PRO A 445 28.47 -10.10 0.33
N LEU A 446 28.00 -11.32 0.48
CA LEU A 446 28.90 -12.45 0.66
C LEU A 446 29.60 -12.78 -0.65
N ILE A 447 30.92 -12.65 -0.65
CA ILE A 447 31.74 -12.93 -1.81
C ILE A 447 31.65 -14.41 -2.18
N LYS A 448 31.94 -15.28 -1.22
CA LYS A 448 31.93 -16.73 -1.43
C LYS A 448 30.67 -17.31 -0.80
N LYS A 449 29.90 -18.05 -1.60
CA LYS A 449 28.65 -18.61 -1.10
C LYS A 449 28.93 -19.75 -0.14
N ILE A 450 28.13 -19.83 0.92
CA ILE A 450 28.29 -20.82 1.98
C ILE A 450 27.46 -22.05 1.60
N ILE A 451 28.14 -23.12 1.17
CA ILE A 451 27.42 -24.34 0.78
C ILE A 451 26.89 -25.04 2.01
N ILE A 452 25.67 -25.55 1.93
CA ILE A 452 25.08 -26.35 3.00
C ILE A 452 25.04 -27.79 2.54
N PRO A 453 25.65 -28.72 3.27
CA PRO A 453 25.61 -30.12 2.85
C PRO A 453 24.20 -30.70 2.92
N ASP A 454 23.94 -31.64 1.98
CA ASP A 454 22.61 -32.25 1.88
C ASP A 454 22.20 -32.99 3.16
N GLU A 455 23.17 -33.52 3.90
CA GLU A 455 22.87 -34.33 5.07
C GLU A 455 22.57 -33.50 6.31
N ILE A 456 22.54 -32.18 6.22
CA ILE A 456 22.29 -31.31 7.37
C ILE A 456 20.78 -31.14 7.51
N PRO A 457 20.17 -31.68 8.56
CA PRO A 457 18.72 -31.54 8.73
C PRO A 457 18.30 -30.15 9.21
N TYR A 458 19.06 -29.58 10.14
CA TYR A 458 18.78 -28.25 10.70
C TYR A 458 19.99 -27.35 10.53
N VAL A 459 19.75 -26.14 10.06
CA VAL A 459 20.77 -25.10 10.02
C VAL A 459 20.49 -24.15 11.18
N TYR A 460 21.49 -23.94 12.03
CA TYR A 460 21.35 -23.09 13.20
C TYR A 460 21.84 -21.68 12.87
N LEU A 461 21.02 -20.67 13.18
CA LEU A 461 21.28 -19.30 12.80
C LEU A 461 21.25 -18.42 14.03
N LYS A 462 22.18 -17.47 14.10
CA LYS A 462 22.33 -16.63 15.27
C LYS A 462 22.62 -15.19 14.85
N VAL A 463 22.06 -14.26 15.60
CA VAL A 463 22.46 -12.86 15.52
C VAL A 463 22.86 -12.41 16.92
N THR A 464 23.99 -11.71 16.99
CA THR A 464 24.49 -11.12 18.23
C THR A 464 24.39 -9.61 18.07
N VAL A 465 23.54 -8.95 18.86
CA VAL A 465 23.35 -7.52 18.79
C VAL A 465 24.14 -6.85 19.91
N GLN A 466 24.93 -5.83 19.56
CA GLN A 466 25.90 -5.22 20.46
C GLN A 466 25.86 -3.70 20.25
N ARG A 467 24.75 -3.09 20.65
CA ARG A 467 24.54 -1.64 20.55
C ARG A 467 24.69 -1.17 19.11
N GLU A 468 25.84 -0.59 18.75
CA GLU A 468 25.99 0.06 17.44
C GLU A 468 25.99 -0.96 16.29
N THR A 469 26.38 -2.19 16.55
CA THR A 469 26.46 -3.17 15.48
C THR A 469 25.79 -4.47 15.88
N TYR A 470 25.63 -5.34 14.89
CA TYR A 470 25.20 -6.70 15.14
C TYR A 470 25.79 -7.58 14.06
N THR A 471 25.83 -8.88 14.34
CA THR A 471 26.56 -9.75 13.45
C THR A 471 25.88 -11.12 13.46
N TYR A 472 25.87 -11.77 12.30
CA TYR A 472 25.27 -13.08 12.17
C TYR A 472 26.34 -14.17 12.27
N SER A 473 25.93 -15.33 12.76
CA SER A 473 26.76 -16.53 12.71
C SER A 473 25.87 -17.74 12.47
N TYR A 474 26.50 -18.88 12.20
CA TYR A 474 25.73 -20.07 11.85
C TYR A 474 26.46 -21.32 12.30
N SER A 475 25.72 -22.42 12.33
CA SER A 475 26.27 -23.72 12.72
C SER A 475 25.48 -24.82 12.04
N PHE A 476 26.18 -25.92 11.75
CA PHE A 476 25.53 -27.12 11.22
C PHE A 476 25.38 -28.22 12.29
N ASP A 477 26.00 -28.07 13.46
CA ASP A 477 25.83 -29.02 14.55
C ASP A 477 25.51 -28.38 15.90
N GLN A 478 25.37 -27.05 15.96
CA GLN A 478 25.06 -26.31 17.18
C GLN A 478 26.19 -26.35 18.20
N GLN A 479 27.28 -27.05 17.88
CA GLN A 479 28.47 -27.11 18.73
C GLN A 479 29.43 -25.96 18.39
N GLU A 480 29.89 -25.90 17.15
CA GLU A 480 30.78 -24.84 16.73
C GLU A 480 30.05 -23.86 15.82
N TRP A 481 30.17 -22.58 16.15
CA TRP A 481 29.57 -21.48 15.40
C TRP A 481 30.58 -20.90 14.42
N GLU A 482 30.11 -20.61 13.21
CA GLU A 482 30.95 -20.06 12.18
C GLU A 482 30.57 -18.60 11.94
N LYS A 483 31.58 -17.78 11.68
CA LYS A 483 31.46 -16.36 11.46
C LYS A 483 30.90 -16.04 10.07
N ILE A 484 30.01 -15.07 9.99
CA ILE A 484 29.73 -14.38 8.74
C ILE A 484 30.30 -12.97 8.88
N ASP A 485 31.38 -12.72 8.14
CA ASP A 485 32.21 -11.53 8.33
C ASP A 485 31.64 -10.32 7.60
N VAL A 486 30.44 -9.93 8.02
CA VAL A 486 29.83 -8.70 7.51
C VAL A 486 29.29 -7.96 8.74
N PRO A 487 29.91 -6.84 9.12
CA PRO A 487 29.42 -6.10 10.28
C PRO A 487 28.24 -5.23 9.88
N LEU A 488 27.13 -5.37 10.59
CA LEU A 488 25.92 -4.65 10.24
C LEU A 488 25.68 -3.56 11.27
N GLU A 489 25.05 -2.48 10.83
CA GLU A 489 24.84 -1.33 11.69
C GLU A 489 23.43 -1.38 12.27
N SER A 490 23.34 -1.42 13.59
CA SER A 490 22.03 -1.39 14.25
C SER A 490 21.30 -0.09 13.97
N THR A 491 22.04 1.01 13.83
CA THR A 491 21.42 2.30 13.59
C THR A 491 20.73 2.36 12.23
N HIS A 492 20.99 1.41 11.32
CA HIS A 492 20.24 1.38 10.07
C HIS A 492 18.84 0.81 10.24
N LEU A 493 18.57 0.15 11.35
CA LEU A 493 17.22 -0.29 11.70
C LEU A 493 16.60 0.63 12.75
N SER A 494 16.61 1.93 12.54
CA SER A 494 16.13 2.85 13.58
C SER A 494 15.21 3.90 12.99
N ASP A 495 14.37 4.47 13.88
CA ASP A 495 13.45 5.54 13.49
C ASP A 495 14.18 6.67 12.77
N ASP A 496 15.44 6.91 13.13
CA ASP A 496 16.14 8.10 12.69
C ASP A 496 16.87 7.91 11.36
N PHE A 497 16.92 6.70 10.82
CA PHE A 497 17.64 6.42 9.58
C PHE A 497 16.72 6.17 8.39
N ILE A 498 15.56 5.55 8.59
CA ILE A 498 14.75 5.11 7.45
C ILE A 498 14.09 6.32 6.82
N ARG A 499 13.87 6.23 5.51
CA ARG A 499 13.25 7.29 4.75
C ARG A 499 11.73 7.17 4.77
N GLY A 500 11.06 8.30 4.54
CA GLY A 500 9.62 8.32 4.37
C GLY A 500 8.90 8.96 5.55
N GLY A 501 7.59 9.12 5.37
CA GLY A 501 6.85 9.86 6.38
C GLY A 501 6.43 9.05 7.58
N GLY A 502 6.63 7.75 7.53
CA GLY A 502 6.30 6.90 8.67
C GLY A 502 7.56 6.32 9.27
N TYR A 503 7.87 6.71 10.50
CA TYR A 503 9.13 6.34 11.17
C TYR A 503 8.86 6.06 12.65
N PHE A 504 7.90 5.17 12.91
CA PHE A 504 7.25 5.11 14.20
C PHE A 504 7.39 3.78 14.92
N THR A 505 8.16 2.82 14.39
CA THR A 505 8.18 1.53 15.08
C THR A 505 9.52 1.30 15.81
N GLY A 506 10.29 0.32 15.35
CA GLY A 506 11.47 -0.14 16.06
C GLY A 506 11.90 -1.47 15.46
N ALA A 507 13.10 -1.89 15.81
CA ALA A 507 13.66 -3.08 15.19
C ALA A 507 13.00 -4.33 15.80
N PHE A 508 12.78 -5.33 14.95
CA PHE A 508 12.29 -6.65 15.29
C PHE A 508 13.29 -7.71 14.83
N VAL A 509 13.25 -8.88 15.48
CA VAL A 509 14.02 -10.05 15.08
C VAL A 509 13.07 -11.25 15.03
N GLY A 510 13.22 -12.11 14.03
CA GLY A 510 12.34 -13.24 13.95
C GLY A 510 12.65 -14.20 12.83
N MET A 511 11.66 -15.05 12.57
CA MET A 511 11.77 -16.20 11.68
C MET A 511 10.92 -15.96 10.44
N GLN A 512 11.45 -16.32 9.28
CA GLN A 512 10.81 -15.94 8.03
C GLN A 512 11.01 -17.01 6.96
N CYS A 513 10.02 -17.12 6.08
CA CYS A 513 10.14 -17.97 4.91
C CYS A 513 9.45 -17.28 3.75
N GLN A 514 10.09 -17.30 2.58
CA GLN A 514 9.46 -16.78 1.38
C GLN A 514 9.59 -17.79 0.25
N ASP A 515 8.53 -17.86 -0.56
CA ASP A 515 8.54 -18.67 -1.77
C ASP A 515 7.86 -17.82 -2.84
N THR A 516 8.65 -17.09 -3.62
CA THR A 516 8.07 -16.30 -4.68
C THR A 516 7.99 -17.09 -5.98
N SER A 517 8.10 -18.42 -5.91
CA SER A 517 7.75 -19.22 -7.06
C SER A 517 6.26 -19.58 -7.06
N GLY A 518 5.61 -19.62 -5.90
CA GLY A 518 4.22 -20.01 -5.80
C GLY A 518 3.97 -21.36 -5.12
N GLU A 519 5.00 -22.14 -4.81
CA GLU A 519 4.74 -23.49 -4.30
C GLU A 519 4.51 -23.54 -2.78
N ARG A 520 4.49 -22.39 -2.10
CA ARG A 520 4.24 -22.34 -0.65
C ARG A 520 5.10 -23.33 0.13
N LEU A 521 6.37 -23.42 -0.22
CA LEU A 521 7.25 -24.41 0.39
C LEU A 521 7.42 -24.13 1.88
N PRO A 522 7.22 -25.12 2.75
CA PRO A 522 7.30 -24.88 4.18
C PRO A 522 8.72 -24.90 4.72
N ALA A 523 8.95 -24.08 5.74
CA ALA A 523 10.14 -24.11 6.56
C ALA A 523 9.71 -24.42 7.98
N ASP A 524 10.44 -25.31 8.65
CA ASP A 524 10.13 -25.72 10.03
C ASP A 524 11.21 -25.18 10.96
N PHE A 525 10.82 -24.32 11.91
CA PHE A 525 11.73 -23.76 12.89
C PHE A 525 11.55 -24.53 14.21
N LYS A 526 12.65 -25.08 14.72
CA LYS A 526 12.58 -25.95 15.90
C LYS A 526 12.51 -25.16 17.20
N TYR A 527 13.07 -23.96 17.25
CA TYR A 527 13.03 -23.17 18.47
C TYR A 527 13.38 -21.74 18.11
N PHE A 528 13.14 -20.84 19.05
CA PHE A 528 13.53 -19.44 18.92
C PHE A 528 14.01 -18.97 20.27
N ARG A 529 15.31 -18.69 20.37
CA ARG A 529 15.95 -18.18 21.58
C ARG A 529 16.09 -16.67 21.48
N TYR A 530 15.71 -15.97 22.53
CA TYR A 530 15.92 -14.52 22.67
C TYR A 530 16.47 -14.30 24.07
N GLU A 531 17.75 -13.96 24.16
CA GLU A 531 18.45 -13.91 25.44
C GLU A 531 19.16 -12.56 25.59
N GLU A 532 18.62 -11.69 26.44
CA GLU A 532 19.26 -10.41 26.69
C GLU A 532 20.35 -10.57 27.76
N THR A 533 21.27 -9.61 27.82
CA THR A 533 22.35 -9.69 28.82
C THR A 533 21.82 -9.82 30.25
N MET B 1 -12.09 -2.52 -46.65
CA MET B 1 -11.72 -1.28 -45.98
C MET B 1 -10.30 -1.35 -45.43
N LYS B 2 -10.05 -0.56 -44.38
CA LYS B 2 -8.74 -0.45 -43.76
C LYS B 2 -8.90 -0.39 -42.25
N ILE B 3 -7.85 -0.81 -41.55
CA ILE B 3 -7.77 -0.69 -40.09
C ILE B 3 -7.05 0.62 -39.76
N THR B 4 -7.69 1.46 -38.95
CA THR B 4 -7.06 2.70 -38.48
C THR B 4 -6.58 2.50 -37.05
N ASN B 5 -5.29 2.66 -36.85
CA ASN B 5 -4.62 2.49 -35.58
C ASN B 5 -4.55 3.81 -34.84
N PRO B 6 -4.60 3.79 -33.50
CA PRO B 6 -4.80 2.59 -32.68
C PRO B 6 -6.25 2.14 -32.79
N VAL B 7 -6.54 0.83 -32.70
CA VAL B 7 -7.94 0.44 -32.74
C VAL B 7 -8.60 0.57 -31.39
N LEU B 8 -7.83 0.57 -30.30
CA LEU B 8 -8.35 0.86 -28.96
C LEU B 8 -7.66 2.13 -28.50
N LYS B 9 -8.44 3.17 -28.26
CA LYS B 9 -7.92 4.48 -27.90
C LYS B 9 -7.84 4.66 -26.38
N GLY B 10 -6.83 5.42 -25.95
CA GLY B 10 -6.60 5.62 -24.52
C GLY B 10 -6.11 4.33 -23.86
N PHE B 11 -6.00 4.41 -22.53
CA PHE B 11 -5.39 3.38 -21.69
C PHE B 11 -5.95 1.99 -21.97
N ASN B 12 -5.25 1.21 -22.79
CA ASN B 12 -5.66 -0.13 -23.22
C ASN B 12 -4.41 -0.93 -23.61
N PRO B 13 -3.55 -1.29 -22.65
CA PRO B 13 -2.24 -1.87 -22.99
C PRO B 13 -2.25 -3.40 -23.07
N ASP B 14 -1.12 -3.99 -23.46
CA ASP B 14 -0.91 -5.44 -23.36
C ASP B 14 -1.94 -6.29 -24.08
N PRO B 15 -2.22 -6.04 -25.36
CA PRO B 15 -3.34 -6.73 -26.03
C PRO B 15 -3.07 -8.21 -26.19
N SER B 16 -4.08 -9.01 -25.84
CA SER B 16 -4.08 -10.45 -26.01
C SER B 16 -5.26 -10.79 -26.90
N ILE B 17 -5.01 -11.16 -28.14
CA ILE B 17 -6.06 -11.38 -29.13
C ILE B 17 -6.33 -12.88 -29.30
N CYS B 18 -7.58 -13.24 -29.52
CA CYS B 18 -7.90 -14.64 -29.78
C CYS B 18 -9.15 -14.74 -30.65
N ARG B 19 -9.33 -15.92 -31.23
CA ARG B 19 -10.42 -16.18 -32.17
C ARG B 19 -11.31 -17.30 -31.65
N ALA B 20 -12.63 -17.15 -31.88
CA ALA B 20 -13.61 -18.20 -31.59
C ALA B 20 -14.61 -18.19 -32.75
N GLY B 21 -14.42 -19.09 -33.71
CA GLY B 21 -15.23 -19.03 -34.93
C GLY B 21 -14.94 -17.77 -35.73
N GLU B 22 -15.99 -17.04 -36.07
CA GLU B 22 -15.90 -15.76 -36.77
C GLU B 22 -15.87 -14.57 -35.82
N ASP B 23 -15.70 -14.80 -34.52
CA ASP B 23 -15.64 -13.75 -33.52
C ASP B 23 -14.22 -13.56 -33.03
N TYR B 24 -13.81 -12.31 -32.84
CA TYR B 24 -12.46 -11.99 -32.38
C TYR B 24 -12.59 -11.23 -31.07
N TYR B 25 -11.68 -11.52 -30.14
CA TYR B 25 -11.70 -10.92 -28.81
C TYR B 25 -10.31 -10.46 -28.44
N MET B 26 -10.22 -9.33 -27.72
CA MET B 26 -8.94 -8.81 -27.25
C MET B 26 -9.09 -8.42 -25.79
N ALA B 27 -8.20 -8.95 -24.95
CA ALA B 27 -8.15 -8.59 -23.53
C ALA B 27 -6.99 -7.64 -23.28
N VAL B 28 -7.22 -6.61 -22.47
CA VAL B 28 -6.18 -5.64 -22.14
C VAL B 28 -6.12 -5.45 -20.62
N SER B 29 -4.96 -4.99 -20.15
CA SER B 29 -4.69 -4.83 -18.72
C SER B 29 -5.34 -3.59 -18.13
N THR B 30 -5.66 -3.65 -16.83
CA THR B 30 -6.35 -2.58 -16.12
C THR B 30 -5.67 -2.10 -14.84
N PHE B 31 -4.64 -2.79 -14.33
CA PHE B 31 -3.84 -2.35 -13.18
C PHE B 31 -4.75 -2.17 -11.96
N GLU B 32 -4.79 -1.00 -11.33
CA GLU B 32 -5.55 -0.82 -10.11
C GLU B 32 -7.03 -0.51 -10.35
N TRP B 33 -7.46 -0.39 -11.62
CA TRP B 33 -8.83 0.05 -11.91
C TRP B 33 -9.79 -1.13 -11.91
N PHE B 34 -10.96 -0.94 -11.31
CA PHE B 34 -11.91 -2.01 -11.04
C PHE B 34 -13.25 -1.75 -11.73
N PRO B 35 -13.90 -2.79 -12.30
CA PRO B 35 -13.53 -4.20 -12.39
C PRO B 35 -12.35 -4.44 -13.32
N GLY B 36 -11.79 -5.64 -13.23
CA GLY B 36 -10.47 -5.95 -13.78
C GLY B 36 -10.58 -6.63 -15.13
N VAL B 37 -9.60 -6.32 -16.00
CA VAL B 37 -9.48 -6.74 -17.40
C VAL B 37 -10.62 -6.17 -18.23
N GLN B 38 -10.30 -5.64 -19.41
CA GLN B 38 -11.31 -5.25 -20.38
C GLN B 38 -11.19 -6.16 -21.59
N ILE B 39 -12.33 -6.64 -22.07
CA ILE B 39 -12.37 -7.55 -23.21
C ILE B 39 -13.21 -6.90 -24.30
N TYR B 40 -12.61 -6.74 -25.47
CA TYR B 40 -13.27 -6.13 -26.62
C TYR B 40 -13.60 -7.22 -27.64
N HIS B 41 -14.59 -6.95 -28.48
CA HIS B 41 -15.06 -7.92 -29.46
C HIS B 41 -15.11 -7.26 -30.82
N SER B 42 -14.80 -8.05 -31.85
CA SER B 42 -14.79 -7.57 -33.23
C SER B 42 -15.19 -8.72 -34.15
N LYS B 43 -15.76 -8.37 -35.30
CA LYS B 43 -15.98 -9.33 -36.36
C LYS B 43 -15.26 -8.96 -37.64
N ASP B 44 -14.45 -7.87 -37.64
CA ASP B 44 -13.71 -7.49 -38.82
C ASP B 44 -12.29 -7.00 -38.55
N LEU B 45 -11.88 -6.89 -37.28
CA LEU B 45 -10.58 -6.38 -36.81
C LEU B 45 -10.48 -4.86 -36.95
N ILE B 46 -11.48 -4.22 -37.57
CA ILE B 46 -11.49 -2.76 -37.69
C ILE B 46 -12.18 -2.11 -36.49
N HIS B 47 -13.40 -2.56 -36.19
CA HIS B 47 -14.23 -2.00 -35.16
C HIS B 47 -14.27 -2.93 -33.96
N TRP B 48 -14.19 -2.36 -32.76
CA TRP B 48 -14.14 -3.11 -31.51
C TRP B 48 -15.15 -2.53 -30.53
N ARG B 49 -15.86 -3.41 -29.85
CA ARG B 49 -16.80 -2.98 -28.83
C ARG B 49 -16.37 -3.52 -27.47
N LEU B 50 -16.44 -2.67 -26.46
CA LEU B 50 -16.21 -3.11 -25.09
C LEU B 50 -17.30 -4.08 -24.69
N ALA B 51 -16.92 -5.36 -24.54
CA ALA B 51 -17.89 -6.43 -24.38
C ALA B 51 -18.01 -6.93 -22.94
N ALA B 52 -16.92 -6.89 -22.16
CA ALA B 52 -16.97 -7.43 -20.82
C ALA B 52 -15.78 -6.94 -20.00
N ARG B 53 -15.96 -6.98 -18.68
CA ARG B 53 -14.86 -6.76 -17.73
C ARG B 53 -15.00 -7.89 -16.71
N PRO B 54 -14.23 -8.97 -16.88
CA PRO B 54 -14.57 -10.25 -16.21
C PRO B 54 -14.39 -10.25 -14.70
N LEU B 55 -13.41 -9.52 -14.16
CA LEU B 55 -13.06 -9.66 -12.74
C LEU B 55 -13.87 -8.67 -11.94
N GLN B 56 -15.07 -9.09 -11.53
CA GLN B 56 -16.06 -8.23 -10.93
C GLN B 56 -16.20 -8.38 -9.42
N LYS B 57 -15.66 -9.47 -8.84
CA LYS B 57 -15.81 -9.77 -7.43
C LYS B 57 -14.46 -9.72 -6.73
N THR B 58 -14.48 -9.33 -5.44
CA THR B 58 -13.26 -9.36 -4.65
C THR B 58 -12.74 -10.79 -4.46
N SER B 59 -13.59 -11.79 -4.62
CA SER B 59 -13.13 -13.18 -4.64
C SER B 59 -12.28 -13.49 -5.86
N GLN B 60 -12.37 -12.68 -6.91
CA GLN B 60 -11.52 -12.83 -8.08
C GLN B 60 -10.33 -11.87 -8.06
N LEU B 61 -10.51 -10.69 -7.45
CA LEU B 61 -9.51 -9.62 -7.55
C LEU B 61 -9.73 -8.67 -6.38
N ASP B 62 -8.79 -8.67 -5.43
CA ASP B 62 -8.87 -7.88 -4.20
C ASP B 62 -7.67 -6.93 -4.17
N MET B 63 -7.89 -5.65 -4.49
CA MET B 63 -6.77 -4.75 -4.72
C MET B 63 -6.71 -3.59 -3.73
N LYS B 64 -7.55 -3.58 -2.70
CA LYS B 64 -7.44 -2.59 -1.65
C LYS B 64 -5.99 -2.49 -1.20
N GLY B 65 -5.45 -1.27 -1.21
CA GLY B 65 -4.08 -1.04 -0.82
C GLY B 65 -3.03 -1.30 -1.88
N ASN B 66 -3.39 -1.85 -3.05
CA ASN B 66 -2.40 -2.15 -4.08
C ASN B 66 -1.66 -0.88 -4.47
N PRO B 67 -0.36 -0.96 -4.77
CA PRO B 67 0.37 0.22 -5.22
C PRO B 67 -0.17 0.72 -6.54
N ASP B 68 0.14 1.99 -6.84
CA ASP B 68 -0.20 2.53 -8.16
C ASP B 68 0.49 1.73 -9.26
N SER B 69 -0.27 1.39 -10.29
CA SER B 69 0.20 0.55 -11.41
C SER B 69 0.60 -0.85 -10.95
N GLY B 70 0.11 -1.29 -9.80
CA GLY B 70 0.10 -2.70 -9.46
C GLY B 70 -1.16 -3.34 -10.00
N GLY B 71 -1.56 -4.46 -9.39
CA GLY B 71 -2.82 -5.05 -9.80
C GLY B 71 -2.69 -5.80 -11.11
N VAL B 72 -3.67 -5.66 -12.01
CA VAL B 72 -3.80 -6.53 -13.18
C VAL B 72 -2.84 -6.05 -14.26
N TRP B 73 -1.71 -6.73 -14.40
CA TRP B 73 -0.78 -6.43 -15.48
C TRP B 73 -1.24 -7.16 -16.74
N ALA B 74 -0.33 -7.57 -17.60
CA ALA B 74 -0.74 -8.14 -18.89
C ALA B 74 -1.58 -9.40 -18.70
N PRO B 75 -2.77 -9.48 -19.32
CA PRO B 75 -3.55 -10.73 -19.26
C PRO B 75 -3.39 -11.56 -20.52
N CYS B 76 -3.83 -12.81 -20.48
CA CYS B 76 -3.84 -13.67 -21.66
C CYS B 76 -5.23 -14.27 -21.80
N LEU B 77 -5.88 -14.03 -22.93
CA LEU B 77 -7.19 -14.59 -23.21
C LEU B 77 -7.06 -15.62 -24.33
N SER B 78 -7.59 -16.81 -24.11
CA SER B 78 -7.57 -17.82 -25.15
C SER B 78 -8.91 -18.53 -25.21
N TYR B 79 -9.18 -19.18 -26.33
CA TYR B 79 -10.39 -19.95 -26.49
C TYR B 79 -10.00 -21.36 -26.91
N ALA B 80 -10.52 -22.35 -26.19
CA ALA B 80 -10.18 -23.73 -26.45
C ALA B 80 -11.13 -24.62 -25.66
N ASP B 81 -11.39 -25.81 -26.19
CA ASP B 81 -12.29 -26.77 -25.55
C ASP B 81 -13.62 -26.12 -25.24
N GLY B 82 -14.07 -25.26 -26.15
CA GLY B 82 -15.40 -24.68 -25.98
C GLY B 82 -15.53 -23.68 -24.86
N GLN B 83 -14.42 -23.13 -24.38
CA GLN B 83 -14.55 -22.13 -23.33
C GLN B 83 -13.41 -21.14 -23.43
N PHE B 84 -13.60 -20.01 -22.75
CA PHE B 84 -12.61 -18.95 -22.68
C PHE B 84 -11.75 -19.16 -21.44
N TRP B 85 -10.45 -18.97 -21.61
CA TRP B 85 -9.48 -19.06 -20.54
C TRP B 85 -8.82 -17.69 -20.37
N LEU B 86 -8.88 -17.15 -19.15
CA LEU B 86 -8.25 -15.86 -18.84
C LEU B 86 -7.19 -16.06 -17.76
N ILE B 87 -5.94 -15.77 -18.11
CA ILE B 87 -4.81 -15.76 -17.19
C ILE B 87 -4.51 -14.32 -16.83
N TYR B 88 -4.35 -14.04 -15.54
CA TYR B 88 -4.10 -12.66 -15.14
C TYR B 88 -3.20 -12.65 -13.92
N SER B 89 -2.64 -11.48 -13.61
CA SER B 89 -1.81 -11.28 -12.43
C SER B 89 -2.43 -10.25 -11.49
N ASP B 90 -2.07 -10.35 -10.22
CA ASP B 90 -2.32 -9.30 -9.23
C ASP B 90 -0.96 -8.96 -8.64
N ILE B 91 -0.33 -7.85 -9.10
CA ILE B 91 1.01 -7.49 -8.64
C ILE B 91 0.90 -6.60 -7.41
N LYS B 92 1.63 -6.96 -6.35
CA LYS B 92 1.55 -6.28 -5.06
C LYS B 92 2.75 -5.37 -4.77
N VAL B 93 3.90 -5.61 -5.42
CA VAL B 93 5.12 -4.82 -5.24
C VAL B 93 5.62 -4.40 -6.62
N VAL B 94 5.82 -3.09 -6.84
CA VAL B 94 6.27 -2.61 -8.14
C VAL B 94 7.59 -1.85 -8.09
N ASP B 95 8.23 -1.77 -6.93
CA ASP B 95 9.50 -1.07 -6.76
C ASP B 95 10.46 -1.93 -5.94
N GLY B 96 11.76 -1.83 -6.25
CA GLY B 96 12.76 -2.50 -5.45
C GLY B 96 13.17 -3.81 -6.08
N PRO B 97 13.87 -4.66 -5.31
CA PRO B 97 14.45 -5.88 -5.90
C PRO B 97 13.43 -6.97 -6.17
N PHE B 98 12.26 -6.96 -5.54
CA PHE B 98 11.27 -8.00 -5.77
C PHE B 98 10.09 -7.45 -6.57
N LYS B 99 9.24 -8.37 -7.03
CA LYS B 99 8.05 -7.99 -7.77
C LYS B 99 6.92 -8.93 -7.35
N ASP B 100 6.61 -8.94 -6.06
CA ASP B 100 5.66 -9.89 -5.50
C ASP B 100 4.32 -9.77 -6.22
N GLY B 101 3.84 -10.88 -6.75
CA GLY B 101 2.65 -10.86 -7.58
C GLY B 101 2.23 -12.28 -7.87
N HIS B 102 0.93 -12.50 -8.03
CA HIS B 102 0.38 -13.83 -8.19
C HIS B 102 -0.37 -13.93 -9.50
N ASN B 103 -0.27 -15.09 -10.14
CA ASN B 103 -0.93 -15.38 -11.40
C ASN B 103 -2.07 -16.38 -11.16
N TYR B 104 -3.19 -16.13 -11.85
CA TYR B 104 -4.44 -16.84 -11.64
C TYR B 104 -5.03 -17.22 -12.99
N LEU B 105 -5.89 -18.24 -12.98
CA LEU B 105 -6.66 -18.65 -14.16
C LEU B 105 -8.15 -18.68 -13.80
N VAL B 106 -8.98 -18.10 -14.68
CA VAL B 106 -10.43 -18.17 -14.59
C VAL B 106 -10.99 -18.53 -15.96
N THR B 107 -12.21 -19.06 -15.98
CA THR B 107 -12.81 -19.54 -17.22
C THR B 107 -14.27 -19.10 -17.31
N ALA B 108 -14.82 -19.17 -18.53
CA ALA B 108 -16.23 -18.85 -18.78
C ALA B 108 -16.60 -19.41 -20.15
N ASP B 109 -17.89 -19.66 -20.32
CA ASP B 109 -18.41 -20.10 -21.62
C ASP B 109 -18.58 -18.94 -22.59
N ALA B 110 -18.73 -17.72 -22.10
CA ALA B 110 -18.85 -16.51 -22.92
C ALA B 110 -18.14 -15.38 -22.20
N VAL B 111 -17.60 -14.42 -22.95
CA VAL B 111 -16.78 -13.41 -22.28
C VAL B 111 -17.64 -12.49 -21.43
N ASP B 112 -18.90 -12.29 -21.80
CA ASP B 112 -19.82 -11.52 -20.98
C ASP B 112 -20.65 -12.39 -20.03
N GLY B 113 -20.30 -13.67 -19.88
CA GLY B 113 -20.93 -14.52 -18.89
C GLY B 113 -20.27 -14.37 -17.53
N GLU B 114 -20.70 -15.25 -16.61
CA GLU B 114 -20.07 -15.31 -15.30
C GLU B 114 -18.74 -16.06 -15.40
N TRP B 115 -17.69 -15.46 -14.88
CA TRP B 115 -16.39 -16.12 -14.86
C TRP B 115 -16.22 -16.87 -13.54
N SER B 116 -15.43 -17.94 -13.59
CA SER B 116 -15.22 -18.78 -12.42
C SER B 116 -14.41 -18.04 -11.35
N ASP B 117 -14.28 -18.69 -10.19
CA ASP B 117 -13.32 -18.23 -9.19
C ASP B 117 -11.93 -18.71 -9.56
N PRO B 118 -10.89 -17.99 -9.12
CA PRO B 118 -9.56 -18.23 -9.68
C PRO B 118 -8.89 -19.49 -9.17
N VAL B 119 -8.04 -20.04 -10.03
CA VAL B 119 -7.08 -21.09 -9.69
C VAL B 119 -5.71 -20.44 -9.59
N ARG B 120 -5.00 -20.69 -8.48
CA ARG B 120 -3.65 -20.18 -8.33
C ARG B 120 -2.68 -20.93 -9.24
N LEU B 121 -1.89 -20.19 -9.99
CA LEU B 121 -0.91 -20.84 -10.87
C LEU B 121 0.48 -20.78 -10.25
N ASN B 122 1.11 -19.60 -10.27
CA ASN B 122 2.43 -19.44 -9.68
C ASN B 122 2.59 -17.96 -9.34
N SER B 123 3.79 -17.61 -8.87
CA SER B 123 4.11 -16.23 -8.49
C SER B 123 5.46 -15.78 -9.03
N SER B 124 6.05 -16.55 -9.95
CA SER B 124 7.46 -16.46 -10.27
C SER B 124 7.79 -15.38 -11.29
N GLY B 125 6.78 -14.68 -11.80
CA GLY B 125 7.02 -13.56 -12.71
C GLY B 125 5.75 -13.20 -13.45
N PHE B 126 5.78 -12.03 -14.07
CA PHE B 126 4.55 -11.52 -14.67
C PHE B 126 4.44 -11.97 -16.13
N ASP B 127 3.41 -11.47 -16.83
CA ASP B 127 3.06 -11.82 -18.21
C ASP B 127 2.78 -13.32 -18.37
N PRO B 128 1.92 -13.90 -17.55
CA PRO B 128 1.62 -15.32 -17.72
C PRO B 128 0.75 -15.56 -18.95
N SER B 129 0.94 -16.71 -19.57
CA SER B 129 0.26 -17.05 -20.81
C SER B 129 -0.06 -18.54 -20.78
N LEU B 130 -1.24 -18.90 -21.25
CA LEU B 130 -1.63 -20.30 -21.32
C LEU B 130 -1.53 -20.78 -22.76
N PHE B 131 -0.79 -21.86 -22.97
CA PHE B 131 -0.60 -22.44 -24.29
C PHE B 131 -1.33 -23.78 -24.37
N HIS B 132 -2.21 -23.93 -25.37
CA HIS B 132 -2.93 -25.18 -25.61
C HIS B 132 -2.14 -26.00 -26.63
N ASP B 133 -1.30 -26.89 -26.14
CA ASP B 133 -0.41 -27.67 -27.00
C ASP B 133 -1.23 -28.61 -27.90
N PRO B 134 -0.76 -28.90 -29.12
CA PRO B 134 -1.54 -29.79 -30.00
C PRO B 134 -1.72 -31.19 -29.44
N SER B 135 -0.84 -31.64 -28.55
CA SER B 135 -1.00 -32.94 -27.89
C SER B 135 -2.24 -33.00 -27.01
N GLY B 136 -2.75 -31.85 -26.56
CA GLY B 136 -3.82 -31.83 -25.58
C GLY B 136 -3.33 -31.41 -24.20
N LYS B 137 -2.03 -31.42 -23.97
CA LYS B 137 -1.50 -30.86 -22.74
C LYS B 137 -1.63 -29.34 -22.73
N LYS B 138 -1.55 -28.76 -21.53
CA LYS B 138 -1.61 -27.32 -21.33
C LYS B 138 -0.32 -26.84 -20.65
N TYR B 139 0.14 -25.66 -21.02
CA TYR B 139 1.38 -25.15 -20.44
C TYR B 139 1.19 -23.69 -20.08
N VAL B 140 1.80 -23.27 -18.98
CA VAL B 140 1.84 -21.87 -18.57
C VAL B 140 3.24 -21.35 -18.82
N LEU B 141 3.34 -20.21 -19.53
CA LEU B 141 4.58 -19.50 -19.76
C LEU B 141 4.53 -18.20 -18.98
N ASN B 142 5.67 -17.78 -18.48
CA ASN B 142 5.77 -16.44 -17.91
C ASN B 142 7.22 -16.03 -17.89
N MET B 143 7.47 -14.72 -17.80
CA MET B 143 8.84 -14.29 -17.53
C MET B 143 9.21 -14.68 -16.11
N LEU B 144 10.51 -14.88 -15.88
CA LEU B 144 11.05 -15.27 -14.58
C LEU B 144 11.74 -14.07 -13.95
N TRP B 145 11.27 -13.65 -12.77
CA TRP B 145 11.84 -12.49 -12.08
C TRP B 145 12.94 -12.92 -11.13
N ASP B 146 14.12 -12.35 -11.31
CA ASP B 146 15.30 -12.70 -10.51
C ASP B 146 15.68 -11.50 -9.66
N HIS B 147 15.38 -11.58 -8.37
CA HIS B 147 15.69 -10.52 -7.42
C HIS B 147 17.18 -10.41 -7.04
N ARG B 148 18.01 -11.40 -7.36
CA ARG B 148 19.36 -11.45 -6.79
C ARG B 148 20.26 -10.35 -7.34
N GLU B 149 21.17 -9.88 -6.47
CA GLU B 149 21.92 -8.66 -6.75
C GLU B 149 22.71 -8.75 -8.05
N LYS B 150 23.33 -9.90 -8.31
CA LYS B 150 24.28 -10.00 -9.42
C LYS B 150 23.66 -10.67 -10.64
N HIS B 151 22.34 -10.64 -10.77
CA HIS B 151 21.63 -11.25 -11.87
C HIS B 151 20.68 -10.23 -12.50
N HIS B 152 20.52 -10.30 -13.81
CA HIS B 152 19.52 -9.45 -14.45
C HIS B 152 18.13 -9.89 -14.00
N SER B 153 17.30 -8.92 -13.61
CA SER B 153 15.99 -9.24 -13.07
C SER B 153 15.14 -10.02 -14.08
N PHE B 154 15.33 -9.78 -15.37
CA PHE B 154 14.56 -10.45 -16.43
C PHE B 154 15.30 -11.73 -16.81
N ALA B 155 14.97 -12.82 -16.13
CA ALA B 155 15.81 -14.02 -16.08
C ALA B 155 15.48 -15.03 -17.16
N GLY B 156 14.53 -14.75 -18.05
CA GLY B 156 14.20 -15.64 -19.15
C GLY B 156 12.74 -16.02 -19.14
N ILE B 157 12.40 -16.96 -20.03
CA ILE B 157 11.02 -17.40 -20.22
C ILE B 157 10.89 -18.79 -19.60
N ALA B 158 10.00 -18.92 -18.64
CA ALA B 158 9.77 -20.20 -17.98
C ALA B 158 8.54 -20.88 -18.56
N LEU B 159 8.56 -22.21 -18.53
CA LEU B 159 7.49 -23.05 -19.07
C LEU B 159 7.24 -24.15 -18.05
N GLN B 160 5.97 -24.40 -17.74
CA GLN B 160 5.61 -25.51 -16.86
C GLN B 160 4.23 -26.04 -17.26
N GLU B 161 4.04 -27.35 -17.16
CA GLU B 161 2.77 -27.92 -17.53
C GLU B 161 1.69 -27.51 -16.54
N TYR B 162 0.48 -27.23 -17.05
CA TYR B 162 -0.70 -27.00 -16.22
C TYR B 162 -1.59 -28.22 -16.35
N SER B 163 -1.95 -28.80 -15.21
CA SER B 163 -2.83 -29.95 -15.18
C SER B 163 -4.26 -29.48 -15.00
N VAL B 164 -5.11 -29.74 -16.00
CA VAL B 164 -6.50 -29.32 -15.85
C VAL B 164 -7.17 -30.08 -14.71
N SER B 165 -6.87 -31.38 -14.58
CA SER B 165 -7.57 -32.18 -13.57
C SER B 165 -7.12 -31.84 -12.15
N GLU B 166 -5.81 -31.64 -11.93
CA GLU B 166 -5.30 -31.28 -10.61
C GLU B 166 -5.46 -29.80 -10.29
N LYS B 167 -5.77 -28.98 -11.30
CA LYS B 167 -5.91 -27.53 -11.16
C LYS B 167 -4.67 -26.91 -10.51
N LYS B 168 -3.51 -27.25 -11.08
CA LYS B 168 -2.26 -26.71 -10.60
C LYS B 168 -1.18 -26.97 -11.65
N LEU B 169 -0.09 -26.23 -11.52
CA LEU B 169 1.10 -26.54 -12.30
C LEU B 169 1.73 -27.82 -11.76
N VAL B 170 2.25 -28.65 -12.67
CA VAL B 170 2.80 -29.96 -12.32
C VAL B 170 4.19 -30.14 -12.94
N GLY B 171 4.93 -31.12 -12.42
CA GLY B 171 6.22 -31.41 -13.01
C GLY B 171 7.23 -30.30 -12.81
N GLU B 172 8.27 -30.33 -13.63
CA GLU B 172 9.39 -29.41 -13.53
C GLU B 172 9.15 -28.17 -14.39
N ARG B 173 9.63 -27.02 -13.92
CA ARG B 173 9.61 -25.82 -14.75
C ARG B 173 10.98 -25.69 -15.44
N LYS B 174 10.96 -25.20 -16.68
CA LYS B 174 12.18 -25.04 -17.47
C LYS B 174 12.26 -23.63 -18.00
N VAL B 175 13.46 -23.07 -18.08
CA VAL B 175 13.69 -21.84 -18.81
C VAL B 175 14.03 -22.21 -20.26
N ILE B 176 13.13 -21.84 -21.19
CA ILE B 176 13.27 -22.28 -22.58
C ILE B 176 13.90 -21.24 -23.47
N PHE B 177 14.18 -20.04 -22.95
CA PHE B 177 14.64 -18.92 -23.77
C PHE B 177 15.17 -17.81 -22.87
N LYS B 178 16.37 -17.31 -23.14
CA LYS B 178 16.95 -16.21 -22.37
C LYS B 178 16.84 -14.86 -23.08
N GLY B 179 16.34 -14.81 -24.30
CA GLY B 179 16.17 -13.56 -25.01
C GLY B 179 17.39 -13.16 -25.82
N THR B 180 17.22 -12.07 -26.57
CA THR B 180 18.22 -11.55 -27.49
C THR B 180 18.99 -10.42 -26.80
N PRO B 181 19.96 -9.78 -27.46
CA PRO B 181 20.70 -8.70 -26.77
C PRO B 181 19.84 -7.52 -26.34
N ILE B 182 18.64 -7.36 -26.89
CA ILE B 182 17.74 -6.30 -26.40
C ILE B 182 17.35 -6.55 -24.95
N LYS B 183 17.25 -7.82 -24.54
CA LYS B 183 17.01 -8.22 -23.15
C LYS B 183 15.68 -7.69 -22.62
N LEU B 184 15.50 -7.75 -21.29
CA LEU B 184 14.19 -7.46 -20.69
C LEU B 184 13.10 -8.34 -21.30
N THR B 185 13.43 -9.62 -21.53
CA THR B 185 12.53 -10.52 -22.24
C THR B 185 11.28 -10.85 -21.42
N GLN B 186 10.11 -10.71 -22.04
CA GLN B 186 8.85 -10.89 -21.32
C GLN B 186 7.75 -11.15 -22.36
N ALA B 187 6.50 -11.03 -21.93
CA ALA B 187 5.30 -11.25 -22.73
C ALA B 187 5.39 -12.50 -23.60
N PRO B 188 5.69 -13.68 -23.04
CA PRO B 188 5.86 -14.87 -23.90
C PRO B 188 4.52 -15.38 -24.41
N HIS B 189 4.49 -15.75 -25.69
CA HIS B 189 3.33 -16.42 -26.26
C HIS B 189 3.80 -17.51 -27.21
N LEU B 190 3.31 -18.74 -27.01
CA LEU B 190 3.60 -19.85 -27.91
C LEU B 190 2.52 -20.05 -28.98
N TYR B 191 2.97 -20.40 -30.18
CA TYR B 191 2.09 -20.77 -31.27
C TYR B 191 2.67 -22.01 -31.93
N TYR B 192 1.80 -22.91 -32.35
CA TYR B 192 2.23 -24.12 -33.07
C TYR B 192 1.69 -23.98 -34.47
N ILE B 193 2.58 -23.78 -35.44
CA ILE B 193 2.22 -23.44 -36.82
C ILE B 193 3.00 -24.36 -37.75
N ASN B 194 2.28 -25.12 -38.57
CA ASN B 194 2.87 -26.06 -39.53
C ASN B 194 3.98 -26.89 -38.88
N ASP B 195 3.66 -27.47 -37.72
CA ASP B 195 4.53 -28.37 -36.97
C ASP B 195 5.78 -27.69 -36.43
N VAL B 196 5.74 -26.36 -36.26
CA VAL B 196 6.84 -25.58 -35.70
C VAL B 196 6.30 -24.79 -34.52
N TYR B 197 7.07 -24.73 -33.43
CA TYR B 197 6.74 -23.89 -32.28
C TYR B 197 7.34 -22.50 -32.46
N TYR B 198 6.50 -21.48 -32.35
CA TYR B 198 6.97 -20.10 -32.44
C TYR B 198 6.78 -19.44 -31.08
N LEU B 199 7.86 -18.92 -30.52
CA LEU B 199 7.84 -18.15 -29.27
C LEU B 199 7.93 -16.66 -29.56
N LEU B 200 6.88 -15.92 -29.24
CA LEU B 200 6.84 -14.48 -29.43
C LEU B 200 7.05 -13.81 -28.08
N THR B 201 7.93 -12.81 -28.03
CA THR B 201 8.23 -12.14 -26.77
C THR B 201 8.29 -10.63 -26.99
N ALA B 202 8.16 -9.89 -25.90
CA ALA B 202 8.48 -8.47 -25.90
C ALA B 202 9.87 -8.29 -25.31
N GLU B 203 10.58 -7.27 -25.77
CA GLU B 203 11.90 -6.99 -25.23
C GLU B 203 12.09 -5.48 -25.21
N GLY B 204 13.08 -5.03 -24.44
CA GLY B 204 13.42 -3.63 -24.35
C GLY B 204 12.66 -2.80 -23.32
N GLY B 205 11.71 -3.37 -22.59
CA GLY B 205 10.93 -2.53 -21.68
C GLY B 205 9.88 -1.72 -22.42
N THR B 206 8.82 -1.33 -21.72
CA THR B 206 7.63 -0.75 -22.36
C THR B 206 7.74 0.76 -22.63
N ARG B 207 8.94 1.33 -22.56
CA ARG B 207 9.12 2.72 -22.98
C ARG B 207 9.52 2.74 -24.45
N TYR B 208 10.30 3.74 -24.88
CA TYR B 208 10.51 3.96 -26.32
C TYR B 208 11.42 2.91 -26.98
N GLU B 209 12.09 2.07 -26.19
CA GLU B 209 12.93 0.97 -26.67
C GLU B 209 12.18 -0.35 -26.83
N HIS B 210 10.86 -0.32 -26.69
CA HIS B 210 10.01 -1.50 -26.76
C HIS B 210 10.09 -2.19 -28.13
N ALA B 211 10.01 -3.51 -28.11
CA ALA B 211 10.14 -4.28 -29.34
C ALA B 211 9.41 -5.61 -29.20
N ALA B 212 9.12 -6.24 -30.33
CA ALA B 212 8.61 -7.60 -30.35
C ALA B 212 9.59 -8.49 -31.06
N THR B 213 9.92 -9.63 -30.45
CA THR B 213 10.90 -10.60 -30.91
C THR B 213 10.20 -11.93 -31.17
N ILE B 214 10.68 -12.69 -32.16
CA ILE B 214 10.14 -14.03 -32.39
C ILE B 214 11.27 -15.01 -32.66
N ALA B 215 11.06 -16.25 -32.21
CA ALA B 215 12.01 -17.35 -32.33
C ALA B 215 11.22 -18.62 -32.60
N ARG B 216 11.91 -19.69 -33.00
CA ARG B 216 11.19 -20.92 -33.36
C ARG B 216 12.00 -22.18 -33.04
N SER B 217 11.28 -23.27 -32.82
CA SER B 217 11.91 -24.54 -32.48
C SER B 217 11.00 -25.68 -32.91
N SER B 218 11.59 -26.87 -33.08
CA SER B 218 10.78 -28.04 -33.38
C SER B 218 10.26 -28.74 -32.13
N ARG B 219 10.77 -28.36 -30.95
CA ARG B 219 10.31 -28.89 -29.67
C ARG B 219 9.80 -27.74 -28.81
N ILE B 220 8.85 -28.05 -27.93
CA ILE B 220 8.24 -26.99 -27.13
C ILE B 220 9.27 -26.38 -26.18
N ASP B 221 10.24 -27.17 -25.70
CA ASP B 221 11.22 -26.68 -24.74
C ASP B 221 12.53 -26.27 -25.39
N GLY B 222 12.54 -26.10 -26.71
CA GLY B 222 13.68 -25.52 -27.37
C GLY B 222 14.77 -26.53 -27.69
N PRO B 223 15.98 -26.02 -28.03
CA PRO B 223 16.33 -24.60 -28.08
C PRO B 223 15.71 -23.84 -29.25
N TYR B 224 15.54 -22.53 -29.08
CA TYR B 224 14.84 -21.70 -30.04
C TYR B 224 15.85 -20.87 -30.84
N GLU B 225 15.65 -20.77 -32.15
CA GLU B 225 16.45 -19.91 -33.01
C GLU B 225 15.67 -18.63 -33.32
N VAL B 226 16.36 -17.49 -33.27
CA VAL B 226 15.70 -16.17 -33.35
C VAL B 226 15.52 -15.76 -34.81
N HIS B 227 14.40 -15.08 -35.10
CA HIS B 227 14.11 -14.45 -36.39
C HIS B 227 15.35 -13.78 -36.97
N PRO B 228 15.65 -14.00 -38.25
CA PRO B 228 16.89 -13.45 -38.81
C PRO B 228 16.88 -11.93 -38.91
N ASP B 229 15.71 -11.30 -39.01
CA ASP B 229 15.60 -9.84 -39.03
C ASP B 229 14.95 -9.30 -37.76
N ASN B 230 15.33 -9.87 -36.62
CA ASN B 230 14.74 -9.52 -35.34
C ASN B 230 15.24 -8.14 -34.88
N PRO B 231 14.40 -7.36 -34.19
CA PRO B 231 13.00 -7.58 -33.85
C PRO B 231 12.07 -7.34 -35.02
N ILE B 232 10.92 -7.99 -35.00
CA ILE B 232 9.96 -7.81 -36.07
C ILE B 232 9.13 -6.55 -35.89
N LEU B 233 9.12 -5.96 -34.69
CA LEU B 233 8.32 -4.78 -34.43
C LEU B 233 9.05 -3.91 -33.43
N THR B 234 9.20 -2.63 -33.76
CA THR B 234 9.75 -1.62 -32.86
C THR B 234 9.70 -0.27 -33.54
N ALA B 235 9.52 0.80 -32.77
CA ALA B 235 9.57 2.15 -33.30
C ALA B 235 10.75 2.93 -32.72
N PHE B 236 11.71 2.21 -32.13
CA PHE B 236 12.81 2.89 -31.47
C PHE B 236 13.55 3.82 -32.42
N HIS B 237 13.85 3.32 -33.62
CA HIS B 237 14.69 4.03 -34.57
C HIS B 237 13.98 5.17 -35.29
N ALA B 238 12.68 5.35 -35.06
CA ALA B 238 11.88 6.31 -35.82
C ALA B 238 11.13 7.24 -34.87
N PRO B 239 11.83 8.19 -34.24
CA PRO B 239 11.20 9.03 -33.20
C PRO B 239 10.03 9.88 -33.69
N SER B 240 9.94 10.15 -34.98
CA SER B 240 8.83 10.92 -35.52
C SER B 240 7.62 10.07 -35.88
N HIS B 241 7.73 8.75 -35.75
CA HIS B 241 6.61 7.89 -36.10
C HIS B 241 5.44 8.14 -35.17
N PRO B 242 4.21 8.18 -35.68
CA PRO B 242 3.05 8.44 -34.82
C PRO B 242 2.80 7.34 -33.80
N LEU B 243 3.21 6.11 -34.09
CA LEU B 243 3.10 5.01 -33.13
C LEU B 243 4.47 4.79 -32.52
N GLN B 244 4.54 4.85 -31.21
CA GLN B 244 5.76 4.65 -30.44
C GLN B 244 5.55 3.47 -29.49
N LYS B 245 6.64 3.00 -28.89
CA LYS B 245 6.61 2.02 -27.80
C LYS B 245 6.01 0.70 -28.28
N CYS B 246 6.20 0.38 -29.56
CA CYS B 246 5.50 -0.74 -30.18
C CYS B 246 6.10 -2.06 -29.72
N GLY B 247 5.29 -2.85 -29.03
CA GLY B 247 5.76 -4.12 -28.51
C GLY B 247 4.64 -4.80 -27.77
N HIS B 248 4.99 -5.90 -27.11
CA HIS B 248 4.03 -6.73 -26.38
C HIS B 248 2.90 -7.19 -27.29
N ALA B 249 3.27 -7.96 -28.30
CA ALA B 249 2.33 -8.37 -29.33
C ALA B 249 1.75 -9.75 -29.05
N SER B 250 0.62 -10.02 -29.71
CA SER B 250 0.05 -11.35 -29.84
C SER B 250 -0.42 -11.54 -31.28
N ILE B 251 -0.43 -12.80 -31.74
CA ILE B 251 -0.72 -13.15 -33.13
C ILE B 251 -2.06 -13.88 -33.21
N VAL B 252 -2.83 -13.62 -34.26
CA VAL B 252 -4.02 -14.40 -34.57
C VAL B 252 -4.01 -14.75 -36.05
N GLN B 253 -4.36 -15.99 -36.35
CA GLN B 253 -4.67 -16.40 -37.72
C GLN B 253 -6.18 -16.31 -37.88
N THR B 254 -6.63 -15.51 -38.84
CA THR B 254 -8.07 -15.33 -39.00
C THR B 254 -8.71 -16.53 -39.67
N HIS B 255 -10.04 -16.60 -39.60
CA HIS B 255 -10.79 -17.63 -40.32
C HIS B 255 -10.70 -17.46 -41.82
N THR B 256 -10.23 -16.31 -42.30
CA THR B 256 -9.93 -16.10 -43.71
C THR B 256 -8.49 -16.45 -44.05
N ASN B 257 -7.78 -17.13 -43.15
CA ASN B 257 -6.40 -17.57 -43.41
C ASN B 257 -5.49 -16.37 -43.71
N GLU B 258 -5.64 -15.30 -42.92
CA GLU B 258 -4.74 -14.16 -42.90
C GLU B 258 -4.14 -14.06 -41.50
N TRP B 259 -3.06 -13.28 -41.37
CA TRP B 259 -2.26 -13.25 -40.15
C TRP B 259 -2.09 -11.82 -39.67
N TYR B 260 -2.52 -11.55 -38.44
CA TYR B 260 -2.40 -10.22 -37.88
C TYR B 260 -1.71 -10.29 -36.52
N LEU B 261 -1.19 -9.14 -36.11
CA LEU B 261 -0.43 -8.99 -34.88
C LEU B 261 -0.98 -7.77 -34.15
N ALA B 262 -1.50 -7.99 -32.94
CA ALA B 262 -1.94 -6.89 -32.09
C ALA B 262 -0.79 -6.52 -31.17
N HIS B 263 -0.62 -5.23 -30.90
CA HIS B 263 0.46 -4.83 -30.01
C HIS B 263 0.10 -3.52 -29.30
N LEU B 264 0.82 -3.24 -28.23
CA LEU B 264 0.58 -1.96 -27.56
C LEU B 264 1.42 -0.87 -28.23
N THR B 265 1.00 0.37 -28.01
CA THR B 265 1.67 1.52 -28.60
C THR B 265 1.31 2.75 -27.77
N GLY B 266 2.16 3.77 -27.87
CA GLY B 266 1.84 5.07 -27.31
C GLY B 266 1.98 6.16 -28.35
N ARG B 267 1.13 7.18 -28.22
CA ARG B 267 1.11 8.35 -29.12
C ARG B 267 1.52 9.58 -28.32
N PRO B 268 2.80 9.94 -28.34
CA PRO B 268 3.25 11.04 -27.47
C PRO B 268 2.94 12.42 -28.00
N ILE B 269 2.84 13.35 -27.05
CA ILE B 269 3.03 14.78 -27.26
C ILE B 269 4.54 15.04 -27.18
N HIS B 270 5.15 15.43 -28.30
CA HIS B 270 6.59 15.46 -28.40
C HIS B 270 7.19 16.67 -27.68
N SER B 271 8.53 16.70 -27.63
CA SER B 271 9.28 17.64 -26.82
C SER B 271 10.36 18.38 -27.63
N SER B 275 14.60 13.20 -31.48
CA SER B 275 15.83 12.70 -30.86
C SER B 275 15.65 11.25 -30.41
N ILE B 276 16.46 10.35 -30.98
CA ILE B 276 16.26 8.92 -30.75
C ILE B 276 16.38 8.58 -29.26
N PHE B 277 17.30 9.23 -28.54
CA PHE B 277 17.74 8.73 -27.24
C PHE B 277 17.23 9.51 -26.04
N GLN B 278 16.62 10.68 -26.23
CA GLN B 278 16.03 11.44 -25.14
C GLN B 278 14.92 12.31 -25.74
N GLN B 279 13.97 12.72 -24.88
CA GLN B 279 12.91 13.67 -25.27
C GLN B 279 11.96 13.03 -26.31
N ARG B 280 11.55 11.80 -26.05
CA ARG B 280 10.67 11.14 -27.01
C ARG B 280 9.19 11.46 -26.79
N GLY B 281 8.85 12.25 -25.76
CA GLY B 281 7.50 12.76 -25.61
C GLY B 281 6.79 12.20 -24.38
N TRP B 282 5.52 12.56 -24.29
CA TRP B 282 4.68 12.25 -23.13
C TRP B 282 3.34 11.72 -23.62
N CYS B 283 2.86 10.64 -22.98
CA CYS B 283 1.67 9.92 -23.44
C CYS B 283 0.58 10.01 -22.37
N PRO B 284 -0.19 11.09 -22.34
CA PRO B 284 -1.33 11.16 -21.41
C PRO B 284 -2.43 10.17 -21.71
N LEU B 285 -2.55 9.68 -22.95
CA LEU B 285 -3.50 8.61 -23.25
C LEU B 285 -2.93 7.24 -22.93
N GLY B 286 -1.71 7.17 -22.40
CA GLY B 286 -1.17 5.90 -21.94
C GLY B 286 -0.80 5.00 -23.11
N ARG B 287 -0.86 3.69 -22.86
CA ARG B 287 -0.56 2.69 -23.86
C ARG B 287 -1.86 2.21 -24.45
N GLU B 288 -1.97 2.31 -25.77
CA GLU B 288 -3.15 1.96 -26.55
C GLU B 288 -2.82 0.73 -27.38
N THR B 289 -3.82 0.21 -28.09
CA THR B 289 -3.66 -1.02 -28.84
C THR B 289 -3.83 -0.79 -30.34
N ALA B 290 -2.89 -1.34 -31.12
CA ALA B 290 -2.86 -1.30 -32.58
C ALA B 290 -2.86 -2.74 -33.16
N ILE B 291 -3.18 -2.86 -34.44
CA ILE B 291 -3.10 -4.16 -35.11
C ILE B 291 -2.33 -3.97 -36.41
N GLN B 292 -1.38 -4.86 -36.66
CA GLN B 292 -0.60 -4.89 -37.89
C GLN B 292 -0.90 -6.16 -38.67
N LYS B 293 -0.68 -6.09 -39.98
CA LYS B 293 -0.79 -7.27 -40.83
C LYS B 293 0.57 -7.94 -40.90
N LEU B 294 0.55 -9.28 -41.00
CA LEU B 294 1.76 -10.08 -41.12
C LEU B 294 1.86 -10.74 -42.50
N GLU B 295 3.10 -10.89 -42.97
CA GLU B 295 3.41 -11.64 -44.18
C GLU B 295 4.53 -12.63 -43.86
N TRP B 296 4.41 -13.85 -44.40
CA TRP B 296 5.35 -14.93 -44.11
C TRP B 296 6.33 -15.14 -45.26
N LYS B 297 7.60 -15.36 -44.91
CA LYS B 297 8.62 -15.72 -45.89
C LYS B 297 9.59 -16.69 -45.24
N ASP B 298 9.78 -17.87 -45.86
CA ASP B 298 10.74 -18.88 -45.38
C ASP B 298 10.49 -19.28 -43.93
N GLY B 299 9.22 -19.41 -43.56
CA GLY B 299 8.87 -19.82 -42.21
C GLY B 299 9.05 -18.76 -41.15
N TRP B 300 9.17 -17.48 -41.54
CA TRP B 300 9.27 -16.35 -40.61
C TRP B 300 8.24 -15.28 -40.95
N PRO B 301 7.64 -14.65 -39.94
CA PRO B 301 6.72 -13.55 -40.19
C PRO B 301 7.40 -12.18 -40.18
N TYR B 302 6.83 -11.27 -40.96
CA TYR B 302 7.29 -9.90 -41.09
C TYR B 302 6.10 -8.96 -40.97
N VAL B 303 6.27 -7.85 -40.27
CA VAL B 303 5.22 -6.84 -40.25
C VAL B 303 5.18 -6.16 -41.61
N VAL B 304 3.99 -6.15 -42.22
CA VAL B 304 3.78 -5.50 -43.51
C VAL B 304 3.98 -4.00 -43.35
N GLY B 305 4.86 -3.42 -44.17
CA GLY B 305 5.13 -2.00 -44.10
C GLY B 305 6.40 -1.61 -43.36
N GLY B 306 7.02 -2.54 -42.65
CA GLY B 306 8.23 -2.26 -41.90
C GLY B 306 8.01 -2.43 -40.40
N LYS B 307 9.13 -2.38 -39.68
CA LYS B 307 9.13 -2.71 -38.25
C LYS B 307 8.30 -1.75 -37.40
N GLU B 308 8.14 -0.49 -37.83
CA GLU B 308 7.56 0.53 -36.95
C GLU B 308 6.05 0.45 -36.88
N GLY B 309 5.41 -0.29 -37.78
CA GLY B 309 3.97 -0.32 -37.84
C GLY B 309 3.41 0.77 -38.74
N LEU B 310 2.12 0.69 -38.99
CA LEU B 310 1.46 1.57 -39.92
C LEU B 310 0.21 2.13 -39.25
N LEU B 311 -0.11 3.39 -39.54
CA LEU B 311 -1.37 3.94 -39.06
C LEU B 311 -2.55 3.32 -39.77
N GLU B 312 -2.38 2.96 -41.05
CA GLU B 312 -3.42 2.37 -41.88
C GLU B 312 -2.96 1.01 -42.36
N VAL B 313 -3.76 0.00 -42.09
CA VAL B 313 -3.40 -1.39 -42.31
C VAL B 313 -4.48 -2.02 -43.16
N GLU B 314 -4.07 -2.89 -44.09
CA GLU B 314 -5.04 -3.61 -44.91
C GLU B 314 -5.89 -4.52 -44.03
N ALA B 315 -7.20 -4.35 -44.10
CA ALA B 315 -8.14 -5.12 -43.31
C ALA B 315 -8.36 -6.50 -43.92
N PRO B 316 -8.74 -7.48 -43.10
CA PRO B 316 -8.98 -8.83 -43.64
C PRO B 316 -10.24 -8.88 -44.50
N ALA B 317 -10.43 -10.03 -45.15
CA ALA B 317 -11.53 -10.21 -46.09
C ALA B 317 -12.80 -10.64 -45.36
N MET B 318 -13.26 -9.74 -44.48
CA MET B 318 -14.42 -9.99 -43.65
C MET B 318 -15.46 -8.89 -43.86
N SER B 319 -16.69 -9.18 -43.46
CA SER B 319 -17.75 -8.20 -43.50
C SER B 319 -17.45 -7.05 -42.54
N VAL B 320 -17.52 -5.82 -43.06
CA VAL B 320 -17.44 -4.66 -42.16
C VAL B 320 -18.60 -4.73 -41.19
N LYS B 321 -18.31 -4.49 -39.91
CA LYS B 321 -19.32 -4.67 -38.87
C LYS B 321 -19.00 -3.64 -37.79
N GLU B 322 -19.80 -2.57 -37.74
CA GLU B 322 -19.69 -1.56 -36.71
C GLU B 322 -20.74 -1.81 -35.65
N PHE B 323 -20.40 -1.46 -34.42
CA PHE B 323 -21.27 -1.65 -33.28
C PHE B 323 -21.79 -0.31 -32.80
N SER B 324 -22.96 -0.35 -32.16
CA SER B 324 -23.53 0.83 -31.54
C SER B 324 -22.59 1.31 -30.42
N PRO B 325 -22.50 2.62 -30.21
CA PRO B 325 -21.71 3.14 -29.07
C PRO B 325 -22.15 2.51 -27.76
N THR B 326 -21.20 2.37 -26.84
CA THR B 326 -21.48 1.74 -25.55
C THR B 326 -21.46 2.72 -24.40
N TYR B 327 -21.36 4.02 -24.66
CA TYR B 327 -21.55 5.03 -23.63
C TYR B 327 -22.40 6.16 -24.20
N HIS B 328 -23.06 6.89 -23.29
CA HIS B 328 -23.83 8.08 -23.66
C HIS B 328 -22.92 9.28 -23.65
N ILE B 329 -22.99 10.10 -24.71
CA ILE B 329 -22.27 11.37 -24.70
C ILE B 329 -22.60 12.14 -23.42
N VAL B 330 -23.87 12.19 -23.06
CA VAL B 330 -24.33 12.77 -21.79
C VAL B 330 -25.03 11.66 -21.02
N ASP B 331 -24.35 11.10 -20.03
CA ASP B 331 -24.95 10.11 -19.15
C ASP B 331 -25.78 10.83 -18.09
N GLU B 332 -27.10 10.62 -18.10
CA GLU B 332 -27.96 11.20 -17.07
C GLU B 332 -28.30 10.20 -15.98
N PHE B 333 -27.54 9.10 -15.89
CA PHE B 333 -27.67 8.15 -14.78
C PHE B 333 -29.09 7.63 -14.64
N LYS B 334 -29.64 7.13 -15.74
CA LYS B 334 -30.95 6.50 -15.73
C LYS B 334 -30.88 4.98 -15.60
N ASP B 335 -29.70 4.38 -15.69
CA ASP B 335 -29.56 2.94 -15.65
C ASP B 335 -29.32 2.46 -14.22
N SER B 336 -29.72 1.21 -13.97
CA SER B 336 -29.64 0.62 -12.64
C SER B 336 -28.20 0.35 -12.18
N SER B 337 -27.23 0.41 -13.10
CA SER B 337 -25.83 0.27 -12.75
C SER B 337 -25.00 1.25 -13.58
N LEU B 338 -23.76 1.46 -13.15
CA LEU B 338 -22.88 2.40 -13.83
C LEU B 338 -22.53 1.90 -15.23
N ASN B 339 -22.51 2.83 -16.18
CA ASN B 339 -22.16 2.51 -17.56
C ASN B 339 -20.78 1.85 -17.61
N ARG B 340 -20.61 0.94 -18.58
CA ARG B 340 -19.45 0.05 -18.59
C ARG B 340 -18.12 0.77 -18.82
N HIS B 341 -18.12 2.05 -19.21
CA HIS B 341 -16.87 2.79 -19.36
C HIS B 341 -16.39 3.44 -18.06
N PHE B 342 -17.22 3.48 -17.01
CA PHE B 342 -16.78 3.96 -15.70
C PHE B 342 -16.08 2.85 -14.92
N GLN B 343 -15.00 3.22 -14.23
CA GLN B 343 -14.30 2.34 -13.30
C GLN B 343 -14.12 3.06 -11.97
N THR B 344 -13.88 2.27 -10.92
CA THR B 344 -13.46 2.74 -9.61
C THR B 344 -12.02 2.30 -9.36
N LEU B 345 -11.37 2.89 -8.35
CA LEU B 345 -10.02 2.48 -7.98
C LEU B 345 -10.12 1.31 -7.01
N ARG B 346 -9.54 0.18 -7.38
CA ARG B 346 -9.18 -0.93 -6.50
C ARG B 346 -10.36 -1.74 -5.97
N ILE B 347 -11.48 -1.10 -5.65
CA ILE B 347 -12.57 -1.75 -4.93
C ILE B 347 -13.83 -1.65 -5.79
N PRO B 348 -14.81 -2.52 -5.56
CA PRO B 348 -16.06 -2.44 -6.32
C PRO B 348 -16.92 -1.25 -5.91
N PHE B 349 -17.80 -0.86 -6.83
CA PHE B 349 -18.77 0.19 -6.57
C PHE B 349 -19.90 -0.40 -5.75
N THR B 350 -19.93 -0.07 -4.46
CA THR B 350 -20.96 -0.47 -3.51
C THR B 350 -21.38 0.74 -2.71
N ASP B 351 -22.37 0.57 -1.82
CA ASP B 351 -22.85 1.65 -0.97
C ASP B 351 -21.78 2.22 -0.04
N GLN B 352 -20.64 1.53 0.12
CA GLN B 352 -19.50 2.13 0.81
C GLN B 352 -19.11 3.48 0.18
N ILE B 353 -19.14 3.57 -1.15
CA ILE B 353 -18.71 4.79 -1.83
C ILE B 353 -19.82 5.49 -2.62
N GLY B 354 -20.88 4.81 -3.04
CA GLY B 354 -21.87 5.51 -3.84
C GLY B 354 -23.05 4.65 -4.25
N SER B 355 -24.00 5.30 -4.91
CA SER B 355 -25.27 4.67 -5.29
C SER B 355 -25.83 5.35 -6.52
N VAL B 356 -26.39 4.55 -7.44
CA VAL B 356 -27.18 5.10 -8.54
C VAL B 356 -28.68 4.96 -8.30
N THR B 357 -29.10 4.43 -7.15
CA THR B 357 -30.51 4.26 -6.86
C THR B 357 -31.01 5.13 -5.70
N GLU B 358 -30.12 5.58 -4.80
CA GLU B 358 -30.57 6.34 -3.63
C GLU B 358 -31.24 7.65 -4.04
N ASN B 359 -30.67 8.35 -5.01
CA ASN B 359 -31.25 9.57 -5.57
C ASN B 359 -31.40 9.33 -7.07
N PRO B 360 -32.61 8.99 -7.54
CA PRO B 360 -32.78 8.61 -8.94
C PRO B 360 -32.28 9.70 -9.87
N HIS B 361 -31.74 9.27 -11.01
CA HIS B 361 -31.20 10.17 -12.04
C HIS B 361 -29.98 10.94 -11.56
N HIS B 362 -29.38 10.50 -10.44
CA HIS B 362 -28.10 11.04 -9.98
C HIS B 362 -27.16 9.90 -9.63
N LEU B 363 -25.86 10.13 -9.86
CA LEU B 363 -24.81 9.37 -9.18
C LEU B 363 -24.54 10.03 -7.84
N ARG B 364 -24.83 9.32 -6.75
CA ARG B 364 -24.53 9.81 -5.41
C ARG B 364 -23.23 9.17 -4.94
N LEU B 365 -22.30 10.00 -4.50
CA LEU B 365 -21.02 9.56 -3.96
C LEU B 365 -20.95 10.00 -2.50
N TYR B 366 -20.76 9.05 -1.59
CA TYR B 366 -20.55 9.38 -0.20
C TYR B 366 -19.08 9.68 0.01
N GLY B 367 -18.78 10.83 0.59
CA GLY B 367 -17.41 11.26 0.72
C GLY B 367 -16.58 10.30 1.56
N GLN B 368 -15.44 9.90 1.02
CA GLN B 368 -14.50 9.00 1.67
C GLN B 368 -13.09 9.61 1.64
N GLU B 369 -12.08 8.80 1.33
CA GLU B 369 -10.70 9.22 1.52
C GLU B 369 -10.24 10.11 0.36
N SER B 370 -9.12 10.81 0.58
CA SER B 370 -8.55 11.71 -0.41
C SER B 370 -8.10 10.95 -1.66
N LEU B 371 -7.78 11.73 -2.69
CA LEU B 371 -7.26 11.22 -3.94
C LEU B 371 -5.88 10.60 -3.78
N THR B 372 -5.21 10.78 -2.63
CA THR B 372 -3.90 10.17 -2.40
C THR B 372 -4.03 8.78 -1.75
N SER B 373 -5.25 8.32 -1.49
CA SER B 373 -5.43 7.07 -0.74
C SER B 373 -5.51 5.86 -1.66
N LYS B 374 -4.77 4.81 -1.30
CA LYS B 374 -4.80 3.52 -2.01
C LYS B 374 -5.88 2.60 -1.49
N PHE B 375 -6.83 3.10 -0.72
CA PHE B 375 -7.78 2.22 -0.06
C PHE B 375 -9.22 2.49 -0.54
N THR B 376 -9.94 3.42 0.08
CA THR B 376 -11.35 3.65 -0.25
C THR B 376 -11.56 5.09 -0.76
N GLN B 377 -11.61 5.23 -2.09
CA GLN B 377 -11.89 6.51 -2.75
C GLN B 377 -13.28 6.48 -3.38
N ALA B 378 -14.10 7.50 -3.09
CA ALA B 378 -15.40 7.66 -3.73
C ALA B 378 -15.17 8.46 -5.01
N PHE B 379 -14.78 7.72 -6.06
CA PHE B 379 -14.27 8.31 -7.30
C PHE B 379 -14.68 7.39 -8.45
N VAL B 380 -15.45 7.92 -9.39
CA VAL B 380 -15.92 7.18 -10.56
C VAL B 380 -15.37 7.90 -11.78
N ALA B 381 -14.63 7.20 -12.62
CA ALA B 381 -13.93 7.87 -13.71
C ALA B 381 -13.92 7.02 -14.97
N ARG B 382 -13.61 7.69 -16.08
CA ARG B 382 -13.49 7.06 -17.37
C ARG B 382 -12.24 7.59 -18.05
N ARG B 383 -11.74 6.82 -19.03
CA ARG B 383 -10.47 7.12 -19.68
C ARG B 383 -10.53 8.38 -20.54
N TRP B 384 -9.43 9.13 -20.56
CA TRP B 384 -9.13 10.03 -21.69
C TRP B 384 -8.92 9.18 -22.93
N GLN B 385 -9.75 9.38 -23.97
CA GLN B 385 -9.57 8.60 -25.19
C GLN B 385 -9.43 9.46 -26.43
N SER B 386 -9.22 10.76 -26.28
CA SER B 386 -8.88 11.64 -27.38
C SER B 386 -7.97 12.74 -26.84
N PHE B 387 -7.23 13.39 -27.74
CA PHE B 387 -6.47 14.58 -27.32
C PHE B 387 -7.34 15.82 -27.27
N TYR B 388 -8.58 15.78 -27.76
CA TYR B 388 -9.46 16.92 -27.76
C TYR B 388 -10.85 16.47 -27.30
N PHE B 389 -11.25 16.90 -26.11
CA PHE B 389 -12.59 16.60 -25.64
C PHE B 389 -12.94 17.62 -24.57
N GLU B 390 -14.24 17.72 -24.27
CA GLU B 390 -14.74 18.35 -23.07
C GLU B 390 -15.43 17.30 -22.22
N ALA B 391 -15.29 17.41 -20.89
CA ALA B 391 -16.03 16.60 -19.94
C ALA B 391 -16.74 17.53 -18.99
N GLU B 392 -17.95 17.17 -18.59
CA GLU B 392 -18.76 18.14 -17.87
C GLU B 392 -19.67 17.42 -16.89
N THR B 393 -19.86 18.03 -15.73
CA THR B 393 -20.73 17.45 -14.74
C THR B 393 -21.43 18.58 -14.00
N ALA B 394 -22.49 18.22 -13.28
CA ALA B 394 -23.23 19.14 -12.41
C ALA B 394 -23.37 18.47 -11.06
N VAL B 395 -22.98 19.17 -10.00
CA VAL B 395 -22.89 18.55 -8.68
C VAL B 395 -23.71 19.36 -7.67
N SER B 396 -24.52 18.66 -6.89
CA SER B 396 -25.13 19.20 -5.69
C SER B 396 -24.30 18.75 -4.49
N PHE B 397 -23.76 19.71 -3.77
CA PHE B 397 -22.84 19.42 -2.65
C PHE B 397 -22.87 20.61 -1.71
N PHE B 398 -23.19 20.36 -0.45
CA PHE B 398 -23.31 21.41 0.55
C PHE B 398 -22.38 21.10 1.72
N PRO B 399 -21.08 21.25 1.51
CA PRO B 399 -20.12 20.94 2.59
C PRO B 399 -20.23 21.94 3.72
N LYS B 400 -19.96 21.45 4.94
CA LYS B 400 -20.05 22.28 6.14
C LYS B 400 -18.73 22.45 6.85
N ASN B 401 -17.64 21.84 6.36
CA ASN B 401 -16.33 22.05 6.94
C ASN B 401 -15.28 21.84 5.84
N PHE B 402 -14.06 22.25 6.14
CA PHE B 402 -13.02 22.30 5.10
C PHE B 402 -12.52 20.92 4.70
N GLN B 403 -12.90 19.86 5.40
CA GLN B 403 -12.48 18.50 5.07
C GLN B 403 -13.46 17.79 4.13
N GLN B 404 -14.41 18.52 3.55
CA GLN B 404 -15.38 17.94 2.62
C GLN B 404 -15.23 18.65 1.27
N ALA B 405 -15.13 17.85 0.20
CA ALA B 405 -14.92 18.41 -1.13
C ALA B 405 -15.44 17.43 -2.17
N ALA B 406 -16.01 17.97 -3.26
CA ALA B 406 -16.55 17.11 -4.31
C ALA B 406 -16.54 17.88 -5.63
N GLY B 407 -16.17 17.17 -6.69
CA GLY B 407 -16.29 17.75 -8.02
C GLY B 407 -15.62 16.94 -9.12
N LEU B 408 -14.95 17.63 -10.03
CA LEU B 408 -14.45 17.06 -11.26
C LEU B 408 -12.94 16.86 -11.13
N VAL B 409 -12.45 15.69 -11.51
CA VAL B 409 -11.07 15.32 -11.30
C VAL B 409 -10.46 14.81 -12.61
N ASN B 410 -9.19 15.11 -12.80
CA ASN B 410 -8.39 14.48 -13.87
C ASN B 410 -7.21 13.82 -13.20
N TYR B 411 -7.03 12.53 -13.45
CA TYR B 411 -6.29 11.69 -12.53
C TYR B 411 -5.38 10.73 -13.27
N TYR B 412 -4.14 10.62 -12.79
CA TYR B 412 -3.25 9.56 -13.24
C TYR B 412 -3.02 8.50 -12.15
N ASN B 413 -2.51 8.90 -10.98
CA ASN B 413 -2.34 7.98 -9.86
C ASN B 413 -2.44 8.79 -8.57
N THR B 414 -2.25 8.13 -7.42
CA THR B 414 -2.50 8.81 -6.14
C THR B 414 -1.61 10.02 -5.91
N GLU B 415 -0.51 10.15 -6.65
CA GLU B 415 0.41 11.28 -6.49
C GLU B 415 0.29 12.30 -7.61
N ASN B 416 -0.60 12.08 -8.58
CA ASN B 416 -0.62 12.88 -9.80
C ASN B 416 -2.06 13.04 -10.26
N TRP B 417 -2.62 14.22 -10.01
CA TRP B 417 -4.01 14.52 -10.33
C TRP B 417 -4.25 16.02 -10.16
N THR B 418 -5.38 16.48 -10.71
CA THR B 418 -5.89 17.81 -10.43
C THR B 418 -7.38 17.69 -10.19
N ALA B 419 -7.91 18.59 -9.36
CA ALA B 419 -9.30 18.48 -8.96
C ALA B 419 -9.88 19.88 -8.81
N LEU B 420 -11.08 20.06 -9.37
CA LEU B 420 -11.88 21.26 -9.19
C LEU B 420 -13.07 20.89 -8.31
N GLN B 421 -13.09 21.38 -7.07
CA GLN B 421 -14.01 20.84 -6.09
C GLN B 421 -14.76 21.95 -5.36
N VAL B 422 -16.06 21.76 -5.18
CA VAL B 422 -16.83 22.50 -4.19
C VAL B 422 -16.38 22.08 -2.80
N THR B 423 -16.06 23.06 -1.96
CA THR B 423 -15.63 22.78 -0.61
C THR B 423 -16.10 23.94 0.26
N TYR B 424 -15.62 24.00 1.49
CA TYR B 424 -16.10 24.94 2.49
C TYR B 424 -14.91 25.66 3.10
N ASP B 425 -15.05 26.96 3.28
CA ASP B 425 -14.06 27.79 3.93
C ASP B 425 -14.76 28.53 5.06
N ASP B 426 -14.17 28.52 6.25
CA ASP B 426 -14.86 29.04 7.42
C ASP B 426 -15.18 30.52 7.27
N ALA B 427 -14.29 31.27 6.63
CA ALA B 427 -14.50 32.70 6.45
C ALA B 427 -15.32 33.02 5.21
N LEU B 428 -15.27 32.17 4.17
CA LEU B 428 -15.91 32.51 2.89
C LEU B 428 -17.18 31.73 2.61
N GLY B 429 -17.41 30.60 3.27
CA GLY B 429 -18.57 29.77 2.98
C GLY B 429 -18.28 28.72 1.92
N ARG B 430 -19.28 28.34 1.14
CA ARG B 430 -19.07 27.40 0.06
C ARG B 430 -18.21 28.04 -1.02
N ILE B 431 -17.15 27.34 -1.45
CA ILE B 431 -16.20 27.88 -2.41
C ILE B 431 -15.82 26.81 -3.43
N LEU B 432 -15.32 27.27 -4.58
CA LEU B 432 -14.75 26.41 -5.60
C LEU B 432 -13.23 26.50 -5.51
N GLU B 433 -12.57 25.35 -5.36
CA GLU B 433 -11.12 25.31 -5.15
C GLU B 433 -10.47 24.39 -6.16
N LEU B 434 -9.31 24.78 -6.65
CA LEU B 434 -8.52 23.96 -7.56
C LEU B 434 -7.32 23.43 -6.79
N SER B 435 -7.16 22.11 -6.75
CA SER B 435 -6.05 21.46 -6.07
C SER B 435 -5.21 20.73 -7.11
N VAL B 436 -3.88 20.77 -6.94
CA VAL B 436 -2.94 20.22 -7.91
C VAL B 436 -1.94 19.36 -7.16
N CYS B 437 -1.78 18.11 -7.59
CA CYS B 437 -0.84 17.20 -6.96
C CYS B 437 0.09 16.66 -8.05
N GLU B 438 1.39 16.89 -7.90
CA GLU B 438 2.36 16.58 -8.96
C GLU B 438 3.51 15.85 -8.30
N ASN B 439 3.53 14.53 -8.51
CA ASN B 439 4.42 13.63 -7.79
C ASN B 439 4.40 13.95 -6.30
N LEU B 440 3.19 14.13 -5.78
CA LEU B 440 2.84 14.27 -4.37
C LEU B 440 3.20 15.66 -3.84
N ALA B 441 3.71 16.56 -4.68
CA ALA B 441 3.85 17.97 -4.32
C ALA B 441 2.50 18.66 -4.46
N PHE B 442 2.00 19.23 -3.38
CA PHE B 442 0.62 19.68 -3.32
C PHE B 442 0.56 21.19 -3.41
N SER B 443 -0.32 21.70 -4.27
CA SER B 443 -0.49 23.13 -4.41
C SER B 443 -1.95 23.47 -4.66
N GLN B 444 -2.35 24.66 -4.23
CA GLN B 444 -3.70 25.15 -4.46
C GLN B 444 -3.46 26.55 -5.01
N PRO B 445 -3.41 26.69 -6.33
CA PRO B 445 -2.81 27.90 -6.94
C PRO B 445 -3.76 29.05 -7.17
N LEU B 446 -5.03 28.96 -6.80
CA LEU B 446 -5.91 30.11 -6.92
C LEU B 446 -5.60 31.08 -5.78
N ILE B 447 -5.15 32.29 -6.14
CA ILE B 447 -4.87 33.30 -5.14
C ILE B 447 -6.16 33.73 -4.45
N LYS B 448 -7.21 33.92 -5.24
CA LYS B 448 -8.54 34.33 -4.76
C LYS B 448 -9.48 33.14 -4.94
N LYS B 449 -10.07 32.66 -3.85
CA LYS B 449 -11.03 31.56 -3.98
C LYS B 449 -12.27 32.04 -4.73
N ILE B 450 -12.94 31.09 -5.37
CA ILE B 450 -14.21 31.34 -6.07
C ILE B 450 -15.35 31.09 -5.12
N ILE B 451 -16.25 32.07 -4.97
CA ILE B 451 -17.32 31.99 -3.98
C ILE B 451 -18.60 31.52 -4.65
N ILE B 452 -19.25 30.53 -4.05
CA ILE B 452 -20.47 29.95 -4.58
C ILE B 452 -21.63 30.49 -3.76
N PRO B 453 -22.60 31.18 -4.37
CA PRO B 453 -23.78 31.64 -3.61
C PRO B 453 -24.53 30.46 -2.99
N ASP B 454 -25.07 30.70 -1.78
CA ASP B 454 -25.84 29.67 -1.09
C ASP B 454 -27.04 29.19 -1.90
N GLU B 455 -27.58 30.03 -2.78
CA GLU B 455 -28.80 29.73 -3.50
C GLU B 455 -28.58 28.93 -4.79
N ILE B 456 -27.35 28.51 -5.06
CA ILE B 456 -27.03 27.74 -6.26
C ILE B 456 -27.27 26.26 -5.92
N PRO B 457 -28.26 25.60 -6.52
CA PRO B 457 -28.46 24.18 -6.22
C PRO B 457 -27.40 23.28 -6.85
N TYR B 458 -26.98 23.59 -8.08
CA TYR B 458 -26.03 22.78 -8.83
C TYR B 458 -24.88 23.65 -9.29
N VAL B 459 -23.64 23.18 -9.10
CA VAL B 459 -22.47 23.83 -9.66
C VAL B 459 -22.04 23.02 -10.87
N TYR B 460 -21.93 23.69 -12.02
CA TYR B 460 -21.59 23.04 -13.28
C TYR B 460 -20.09 23.15 -13.48
N LEU B 461 -19.45 22.01 -13.75
CA LEU B 461 -17.99 21.95 -13.88
C LEU B 461 -17.61 21.32 -15.20
N LYS B 462 -16.59 21.88 -15.83
CA LYS B 462 -16.20 21.47 -17.16
C LYS B 462 -14.68 21.43 -17.23
N VAL B 463 -14.14 20.47 -17.97
CA VAL B 463 -12.73 20.48 -18.35
C VAL B 463 -12.66 20.43 -19.87
N THR B 464 -11.82 21.28 -20.44
CA THR B 464 -11.61 21.31 -21.89
C THR B 464 -10.16 20.89 -22.13
N VAL B 465 -9.99 19.73 -22.76
CA VAL B 465 -8.65 19.22 -23.04
C VAL B 465 -8.32 19.52 -24.50
N GLN B 466 -7.18 20.17 -24.72
CA GLN B 466 -6.75 20.60 -26.06
C GLN B 466 -5.28 20.23 -26.22
N ARG B 467 -5.03 18.92 -26.43
CA ARG B 467 -3.71 18.32 -26.59
C ARG B 467 -2.79 18.59 -25.40
N GLU B 468 -1.84 19.52 -25.53
CA GLU B 468 -0.84 19.62 -24.47
C GLU B 468 -1.32 20.38 -23.25
N THR B 469 -2.50 20.98 -23.28
CA THR B 469 -2.97 21.70 -22.11
C THR B 469 -4.44 21.38 -21.90
N TYR B 470 -4.90 21.57 -20.67
CA TYR B 470 -6.33 21.56 -20.41
C TYR B 470 -6.64 22.66 -19.41
N THR B 471 -7.90 23.09 -19.40
CA THR B 471 -8.31 24.15 -18.50
C THR B 471 -9.70 23.84 -17.95
N TYR B 472 -9.91 24.22 -16.69
CA TYR B 472 -11.21 24.06 -16.07
C TYR B 472 -12.07 25.30 -16.26
N SER B 473 -13.38 25.10 -16.30
CA SER B 473 -14.35 26.18 -16.28
C SER B 473 -15.51 25.79 -15.38
N TYR B 474 -16.30 26.77 -14.98
CA TYR B 474 -17.46 26.48 -14.14
C TYR B 474 -18.60 27.42 -14.49
N SER B 475 -19.79 27.05 -14.04
CA SER B 475 -20.96 27.89 -14.23
C SER B 475 -21.91 27.66 -13.06
N PHE B 476 -22.71 28.68 -12.76
CA PHE B 476 -23.77 28.52 -11.77
C PHE B 476 -25.14 28.38 -12.42
N ASP B 477 -25.24 28.51 -13.74
CA ASP B 477 -26.53 28.33 -14.42
C ASP B 477 -26.47 27.47 -15.68
N GLN B 478 -25.28 27.09 -16.13
CA GLN B 478 -24.99 26.29 -17.33
C GLN B 478 -25.05 27.11 -18.62
N GLN B 479 -25.37 28.40 -18.56
CA GLN B 479 -25.37 29.25 -19.75
C GLN B 479 -24.08 30.04 -19.88
N GLU B 480 -23.75 30.84 -18.87
CA GLU B 480 -22.51 31.61 -18.87
C GLU B 480 -21.44 30.82 -18.12
N TRP B 481 -20.31 30.59 -18.79
CA TRP B 481 -19.22 29.80 -18.24
C TRP B 481 -18.02 30.69 -17.95
N GLU B 482 -17.48 30.57 -16.74
CA GLU B 482 -16.27 31.28 -16.35
C GLU B 482 -15.09 30.33 -16.45
N LYS B 483 -14.02 30.76 -17.12
CA LYS B 483 -12.83 29.95 -17.26
C LYS B 483 -11.88 30.22 -16.10
N ILE B 484 -11.27 29.16 -15.57
CA ILE B 484 -10.28 29.31 -14.51
C ILE B 484 -8.92 29.44 -15.18
N ASP B 485 -8.33 30.63 -15.06
CA ASP B 485 -7.15 31.01 -15.84
C ASP B 485 -5.87 30.43 -15.25
N VAL B 486 -5.87 29.10 -15.12
CA VAL B 486 -4.70 28.34 -14.72
C VAL B 486 -4.57 27.21 -15.73
N PRO B 487 -3.73 27.34 -16.76
CA PRO B 487 -3.63 26.27 -17.77
C PRO B 487 -2.76 25.14 -17.23
N LEU B 488 -3.28 23.93 -17.29
CA LEU B 488 -2.60 22.77 -16.75
C LEU B 488 -2.03 21.93 -17.89
N GLU B 489 -0.92 21.27 -17.59
CA GLU B 489 -0.18 20.51 -18.60
C GLU B 489 -0.74 19.09 -18.66
N SER B 490 -1.23 18.69 -19.83
CA SER B 490 -1.65 17.32 -20.04
C SER B 490 -0.50 16.34 -19.84
N THR B 491 0.73 16.75 -20.18
CA THR B 491 1.87 15.86 -20.06
C THR B 491 2.18 15.48 -18.62
N HIS B 492 1.62 16.18 -17.64
CA HIS B 492 1.85 15.82 -16.24
C HIS B 492 1.00 14.64 -15.81
N LEU B 493 -0.02 14.30 -16.57
CA LEU B 493 -0.85 13.11 -16.37
C LEU B 493 -0.47 12.01 -17.35
N SER B 494 0.81 11.65 -17.42
CA SER B 494 1.29 10.75 -18.47
C SER B 494 2.29 9.75 -17.90
N ASP B 495 2.40 8.59 -18.60
CA ASP B 495 3.34 7.55 -18.19
C ASP B 495 4.76 8.07 -18.09
N ASP B 496 5.08 9.09 -18.87
CA ASP B 496 6.46 9.52 -18.99
C ASP B 496 6.84 10.58 -17.95
N PHE B 497 5.88 11.12 -17.22
CA PHE B 497 6.14 12.15 -16.20
C PHE B 497 6.20 11.59 -14.79
N ILE B 498 5.34 10.63 -14.43
CA ILE B 498 5.17 10.34 -13.02
C ILE B 498 6.37 9.55 -12.50
N ARG B 499 6.62 9.67 -11.20
CA ARG B 499 7.72 8.97 -10.56
C ARG B 499 7.30 7.58 -10.07
N GLY B 500 8.30 6.75 -9.81
CA GLY B 500 8.08 5.44 -9.22
C GLY B 500 8.22 4.30 -10.22
N GLY B 501 8.12 3.08 -9.67
CA GLY B 501 8.29 1.89 -10.50
C GLY B 501 7.11 1.57 -11.40
N GLY B 502 5.94 2.09 -11.08
CA GLY B 502 4.76 1.78 -11.86
C GLY B 502 4.26 2.95 -12.66
N TYR B 503 4.29 2.83 -13.99
CA TYR B 503 3.95 3.93 -14.91
C TYR B 503 3.16 3.39 -16.11
N PHE B 504 2.08 2.66 -15.82
CA PHE B 504 1.50 1.74 -16.79
C PHE B 504 0.06 2.05 -17.15
N THR B 505 -0.51 3.14 -16.62
CA THR B 505 -1.91 3.40 -16.90
C THR B 505 -2.04 4.60 -17.84
N GLY B 506 -2.94 5.52 -17.54
CA GLY B 506 -3.17 6.67 -18.41
C GLY B 506 -4.13 7.59 -17.70
N ALA B 507 -4.43 8.72 -18.34
CA ALA B 507 -5.24 9.74 -17.70
C ALA B 507 -6.72 9.36 -17.69
N PHE B 508 -7.38 9.70 -16.60
CA PHE B 508 -8.82 9.49 -16.42
C PHE B 508 -9.46 10.82 -16.05
N VAL B 509 -10.78 10.94 -16.30
CA VAL B 509 -11.56 12.08 -15.86
C VAL B 509 -12.80 11.56 -15.17
N GLY B 510 -13.17 12.15 -14.06
CA GLY B 510 -14.29 11.58 -13.33
C GLY B 510 -14.87 12.48 -12.26
N MET B 511 -15.83 11.91 -11.55
CA MET B 511 -16.57 12.56 -10.48
C MET B 511 -16.13 11.98 -9.15
N GLN B 512 -15.96 12.85 -8.16
CA GLN B 512 -15.32 12.44 -6.93
C GLN B 512 -15.94 13.19 -5.75
N CYS B 513 -15.91 12.54 -4.59
CA CYS B 513 -16.31 13.20 -3.37
C CYS B 513 -15.42 12.68 -2.25
N GLN B 514 -14.96 13.58 -1.39
CA GLN B 514 -14.16 13.19 -0.23
C GLN B 514 -14.70 13.91 0.98
N ASP B 515 -14.69 13.21 2.11
CA ASP B 515 -15.07 13.78 3.39
C ASP B 515 -14.10 13.15 4.38
N THR B 516 -13.02 13.86 4.68
CA THR B 516 -12.07 13.32 5.64
C THR B 516 -12.40 13.76 7.05
N SER B 517 -13.63 14.21 7.30
CA SER B 517 -14.09 14.44 8.66
C SER B 517 -14.79 13.23 9.25
N GLY B 518 -15.34 12.33 8.43
CA GLY B 518 -16.03 11.15 8.91
C GLY B 518 -17.54 11.16 8.69
N GLU B 519 -18.10 12.24 8.14
CA GLU B 519 -19.55 12.37 8.02
C GLU B 519 -20.13 11.71 6.77
N ARG B 520 -19.30 11.20 5.86
CA ARG B 520 -19.78 10.52 4.66
C ARG B 520 -20.76 11.39 3.86
N LEU B 521 -20.50 12.70 3.86
CA LEU B 521 -21.43 13.65 3.26
C LEU B 521 -21.63 13.36 1.78
N PRO B 522 -22.86 13.24 1.30
CA PRO B 522 -23.07 12.86 -0.10
C PRO B 522 -22.95 14.04 -1.06
N ALA B 523 -22.47 13.72 -2.26
CA ALA B 523 -22.47 14.63 -3.41
C ALA B 523 -23.29 13.98 -4.51
N ASP B 524 -24.22 14.73 -5.09
CA ASP B 524 -25.12 14.19 -6.09
C ASP B 524 -24.76 14.78 -7.45
N PHE B 525 -24.36 13.92 -8.39
CA PHE B 525 -23.99 14.35 -9.73
C PHE B 525 -25.16 14.05 -10.68
N LYS B 526 -25.64 15.09 -11.36
CA LYS B 526 -26.86 14.98 -12.16
C LYS B 526 -26.61 14.32 -13.51
N TYR B 527 -25.46 14.57 -14.12
CA TYR B 527 -25.13 13.95 -15.40
C TYR B 527 -23.62 13.93 -15.53
N PHE B 528 -23.13 13.22 -16.54
CA PHE B 528 -21.71 13.29 -16.91
C PHE B 528 -21.62 13.32 -18.41
N ARG B 529 -21.11 14.42 -18.95
CA ARG B 529 -20.89 14.56 -20.37
C ARG B 529 -19.42 14.29 -20.71
N TYR B 530 -19.20 13.51 -21.76
CA TYR B 530 -17.86 13.30 -22.32
C TYR B 530 -17.99 13.36 -23.83
N GLU B 531 -17.53 14.47 -24.42
CA GLU B 531 -17.72 14.78 -25.83
C GLU B 531 -16.38 15.04 -26.49
N GLU B 532 -15.86 14.06 -27.26
CA GLU B 532 -14.60 14.21 -27.98
C GLU B 532 -14.81 15.04 -29.26
N THR B 533 -13.69 15.50 -29.84
CA THR B 533 -13.73 16.17 -31.14
C THR B 533 -12.98 15.37 -32.20
O1 XYP C . 5.28 13.74 11.41
C1 XYP C . 4.77 13.02 12.47
C2 XYP C . 4.97 13.77 13.81
C3 XYP C . 4.47 12.89 14.90
C4 XYP C . 3.03 12.56 14.68
C5 XYP C . 2.82 11.90 13.30
O2 XYP C . 6.36 14.08 14.04
O3 XYP C . 4.70 13.55 16.20
O4 XYP C . 2.40 11.71 15.68
O5 XYP C . 3.33 12.78 12.24
C1 XYP C . 3.22 10.98 16.39
C2 XYP C . 2.43 10.34 17.59
C3 XYP C . 1.57 9.16 17.27
C4 XYP C . 2.18 8.20 16.38
C5 XYP C . 2.81 8.87 15.18
O2 XYP C . 3.41 9.97 18.57
O3 XYP C . 0.24 9.60 16.71
O4 XYP C . 3.19 7.44 17.12
O5 XYP C . 3.83 9.87 15.57
O1 XYP D . 9.84 -1.69 -15.82
C1 XYP D . 8.79 -2.36 -16.41
C2 XYP D . 9.09 -2.70 -17.89
C3 XYP D . 7.84 -3.24 -18.51
C4 XYP D . 7.40 -4.46 -17.78
C5 XYP D . 7.31 -4.25 -16.26
O2 XYP D . 9.55 -1.53 -18.59
O3 XYP D . 8.14 -3.57 -19.92
O4 XYP D . 6.09 -4.95 -18.19
O5 XYP D . 8.50 -3.59 -15.68
C1 XYP D . 5.37 -4.18 -18.93
C2 XYP D . 4.28 -5.07 -19.64
C3 XYP D . 3.15 -5.48 -18.77
C4 XYP D . 2.65 -4.48 -17.87
C5 XYP D . 3.76 -3.79 -17.12
O2 XYP D . 3.83 -4.34 -20.80
O3 XYP D . 3.54 -6.64 -17.92
O4 XYP D . 1.95 -3.45 -18.67
O5 XYP D . 4.66 -3.18 -18.11
O1 XYP E . -13.20 22.54 10.74
C1 XYP E . -13.60 22.87 11.97
C2 XYP E . -13.34 24.37 12.15
C3 XYP E . -13.88 24.81 13.46
C4 XYP E . -15.34 24.49 13.62
C5 XYP E . -15.67 23.02 13.34
O2 XYP E . -11.94 24.66 12.06
O3 XYP E . -13.67 26.24 13.54
O4 XYP E . -15.73 24.75 14.96
O5 XYP E . -15.05 22.52 12.10
#